data_2PP0
#
_entry.id   2PP0
#
_cell.length_a   173.888
_cell.length_b   173.888
_cell.length_c   123.199
_cell.angle_alpha   90.00
_cell.angle_beta   90.00
_cell.angle_gamma   90.00
#
_symmetry.space_group_name_H-M   'P 4 2 2'
#
loop_
_entity.id
_entity.type
_entity.pdbx_description
1 polymer 'L-talarate/Galactarate Dehydratase'
2 non-polymer GLYCEROL
3 water water
#
_entity_poly.entity_id   1
_entity_poly.type   'polypeptide(L)'
_entity_poly.pdbx_seq_one_letter_code
;MALSANSDAVTYAKAANTRTAAETGDRIEWVKLSLAFLPLATPVSDAKVLTGRQKPLTEVAIIIAEIRSRDGFEGVGFSY
SKRAGGQGIYAHAKEIADNLLGEDPNDIDKIYTKLLWAGASVGRSGMAVQAISPIDIALWDMKAKRAGLPLAKLLGAHRD
SVQCYNTSGGFLHTPLDQVLKNVVISRENGIGGIKLKVGQPNCAEDIRRLTAVREALGDEFPLMVDANQQWDRETAIRMG
RKMEQFNLIWIEEPLDAYDIEGHAQLAAALDTPIATGEMLTSFREHEQLILGNASDFVQPDAPRVGGISPFLKIMDLAAK
HGRKLAPHFAMEVHLHLSAAYPLEPWLEHFEWLNPLFNEQLELRDGRMWISDRHGLGFTLSEQARRWTQLTCEFGKRP
;
_entity_poly.pdbx_strand_id   A,B,C
#
loop_
_chem_comp.id
_chem_comp.type
_chem_comp.name
_chem_comp.formula
GOL non-polymer GLYCEROL 'C3 H8 O3'
#
# COMPACT_ATOMS: atom_id res chain seq x y z
N SER A 4 57.84 -24.22 -9.90
CA SER A 4 58.70 -23.51 -8.90
C SER A 4 58.45 -22.01 -8.93
N ALA A 5 58.45 -21.40 -7.75
CA ALA A 5 58.23 -19.97 -7.64
C ALA A 5 59.36 -19.19 -8.33
N ASN A 6 60.60 -19.67 -8.18
CA ASN A 6 61.73 -18.98 -8.81
C ASN A 6 62.91 -19.93 -9.04
N SER A 7 64.01 -19.39 -9.55
CA SER A 7 65.21 -20.17 -9.85
C SER A 7 66.43 -19.28 -9.76
N ASP A 8 67.57 -19.79 -10.21
CA ASP A 8 68.80 -19.00 -10.18
C ASP A 8 68.84 -17.95 -11.28
N ALA A 9 67.98 -18.13 -12.28
CA ALA A 9 67.89 -17.20 -13.39
C ALA A 9 66.54 -16.48 -13.29
N VAL A 10 65.80 -16.47 -14.38
CA VAL A 10 64.50 -15.84 -14.40
C VAL A 10 63.66 -16.59 -15.42
N THR A 11 62.37 -16.75 -15.15
CA THR A 11 61.48 -17.44 -16.07
C THR A 11 60.20 -16.63 -16.28
N TYR A 12 59.51 -16.87 -17.39
CA TYR A 12 58.29 -16.14 -17.71
C TYR A 12 57.11 -17.06 -18.04
N ALA A 13 55.96 -16.75 -17.45
CA ALA A 13 54.75 -17.51 -17.69
C ALA A 13 54.12 -17.05 -19.00
N LYS A 14 53.51 -17.97 -19.74
CA LYS A 14 52.87 -17.63 -21.00
C LYS A 14 51.36 -17.72 -20.87
N ALA A 15 50.66 -16.81 -21.52
CA ALA A 15 49.19 -16.77 -21.46
C ALA A 15 48.51 -17.74 -22.42
N ALA A 16 47.84 -18.74 -21.86
CA ALA A 16 47.11 -19.72 -22.66
C ALA A 16 45.98 -19.01 -23.41
N ASN A 17 45.58 -17.86 -22.89
CA ASN A 17 44.52 -17.08 -23.51
C ASN A 17 44.95 -15.61 -23.55
N THR A 18 45.30 -15.15 -24.74
CA THR A 18 45.75 -13.77 -24.92
C THR A 18 44.63 -12.84 -25.38
N ARG A 19 43.38 -13.24 -25.15
CA ARG A 19 42.23 -12.43 -25.52
C ARG A 19 42.25 -11.22 -24.58
N THR A 20 42.30 -10.01 -25.14
CA THR A 20 42.39 -8.80 -24.34
C THR A 20 41.12 -7.99 -24.08
N ALA A 21 41.14 -7.22 -23.00
CA ALA A 21 40.03 -6.37 -22.62
C ALA A 21 39.77 -5.36 -23.74
N ALA A 22 40.84 -4.93 -24.39
CA ALA A 22 40.75 -3.96 -25.47
C ALA A 22 39.92 -4.46 -26.65
N GLU A 23 40.17 -5.71 -27.07
CA GLU A 23 39.46 -6.28 -28.22
C GLU A 23 38.05 -6.79 -27.94
N THR A 24 37.72 -7.06 -26.69
CA THR A 24 36.41 -7.58 -26.35
C THR A 24 35.43 -6.60 -25.72
N GLY A 25 35.92 -5.43 -25.31
CA GLY A 25 35.06 -4.46 -24.66
C GLY A 25 33.89 -3.92 -25.48
N ASP A 26 32.85 -3.49 -24.79
CA ASP A 26 31.66 -2.93 -25.43
C ASP A 26 32.07 -1.67 -26.19
N ARG A 27 31.16 -1.14 -27.00
CA ARG A 27 31.40 0.04 -27.81
C ARG A 27 30.15 0.91 -27.92
N ILE A 28 30.32 2.23 -27.80
CA ILE A 28 29.19 3.14 -27.92
C ILE A 28 28.81 3.22 -29.39
N GLU A 29 27.53 3.03 -29.73
CA GLU A 29 27.11 3.09 -31.12
C GLU A 29 26.08 4.16 -31.43
N TRP A 30 25.47 4.73 -30.39
CA TRP A 30 24.44 5.75 -30.61
C TRP A 30 24.37 6.72 -29.45
N VAL A 31 24.11 7.98 -29.78
CA VAL A 31 23.98 9.04 -28.79
C VAL A 31 22.91 10.03 -29.23
N LYS A 32 22.05 10.41 -28.30
CA LYS A 32 20.99 11.39 -28.56
C LYS A 32 21.08 12.48 -27.51
N LEU A 33 21.08 13.74 -27.94
CA LEU A 33 21.14 14.86 -27.02
C LEU A 33 19.87 15.68 -27.17
N SER A 34 19.35 16.22 -26.07
CA SER A 34 18.15 17.02 -26.11
C SER A 34 18.25 18.26 -25.23
N LEU A 35 17.66 19.36 -25.69
CA LEU A 35 17.61 20.58 -24.90
C LEU A 35 16.14 20.77 -24.63
N ALA A 36 15.74 20.65 -23.37
CA ALA A 36 14.34 20.83 -23.00
C ALA A 36 14.23 21.96 -22.00
N PHE A 37 13.03 22.53 -21.89
CA PHE A 37 12.81 23.60 -20.94
C PHE A 37 11.65 23.24 -20.02
N LEU A 38 11.93 23.26 -18.72
CA LEU A 38 10.97 22.95 -17.68
C LEU A 38 10.35 24.25 -17.22
N PRO A 39 9.05 24.47 -17.51
CA PRO A 39 8.43 25.72 -17.08
C PRO A 39 8.08 25.73 -15.61
N LEU A 40 8.25 26.88 -14.97
CA LEU A 40 7.91 27.06 -13.57
C LEU A 40 6.68 27.96 -13.53
N ALA A 41 5.53 27.37 -13.21
CA ALA A 41 4.26 28.11 -13.15
C ALA A 41 4.34 29.34 -12.25
N THR A 42 5.06 29.22 -11.15
CA THR A 42 5.21 30.34 -10.23
C THR A 42 6.64 30.87 -10.30
N PRO A 43 6.83 32.09 -10.82
CA PRO A 43 8.17 32.69 -10.94
C PRO A 43 8.86 32.64 -9.57
N VAL A 44 10.12 32.19 -9.55
CA VAL A 44 10.85 32.03 -8.30
C VAL A 44 11.90 33.10 -8.03
N SER A 45 11.89 33.66 -6.82
CA SER A 45 12.84 34.69 -6.43
C SER A 45 13.57 34.42 -5.12
N ASP A 46 14.90 34.42 -5.16
CA ASP A 46 15.69 34.28 -3.94
C ASP A 46 16.30 35.66 -3.74
N ALA A 47 17.28 35.78 -2.84
CA ALA A 47 17.89 37.08 -2.57
C ALA A 47 18.56 37.74 -3.78
N LYS A 48 19.03 36.93 -4.73
CA LYS A 48 19.68 37.46 -5.93
C LYS A 48 18.70 38.35 -6.70
N VAL A 49 17.42 38.01 -6.60
CA VAL A 49 16.38 38.78 -7.27
C VAL A 49 16.02 40.02 -6.46
N LEU A 50 15.85 39.85 -5.15
CA LEU A 50 15.47 40.97 -4.30
C LEU A 50 16.54 42.06 -4.19
N THR A 51 17.80 41.73 -4.50
CA THR A 51 18.86 42.74 -4.46
C THR A 51 19.04 43.36 -5.85
N GLY A 52 18.27 42.87 -6.83
CA GLY A 52 18.36 43.42 -8.17
C GLY A 52 19.38 42.78 -9.12
N ARG A 53 20.10 41.77 -8.63
CA ARG A 53 21.09 41.10 -9.47
C ARG A 53 20.48 40.30 -10.62
N GLN A 54 19.33 39.68 -10.38
CA GLN A 54 18.67 38.87 -11.40
C GLN A 54 17.15 39.07 -11.40
N LYS A 55 16.50 38.52 -12.42
CA LYS A 55 15.06 38.58 -12.57
C LYS A 55 14.51 37.24 -12.07
N PRO A 56 13.22 37.19 -11.69
CA PRO A 56 12.63 35.94 -11.21
C PRO A 56 12.89 34.79 -12.20
N LEU A 57 13.06 33.57 -11.66
CA LEU A 57 13.31 32.39 -12.49
C LEU A 57 11.97 31.83 -12.98
N THR A 58 11.81 31.63 -14.29
CA THR A 58 10.55 31.14 -14.84
C THR A 58 10.63 29.78 -15.54
N GLU A 59 11.84 29.26 -15.72
CA GLU A 59 12.00 27.98 -16.38
C GLU A 59 13.38 27.42 -16.10
N VAL A 60 13.57 26.13 -16.37
CA VAL A 60 14.86 25.51 -16.17
C VAL A 60 15.26 24.73 -17.42
N ALA A 61 16.44 25.05 -17.95
CA ALA A 61 16.94 24.37 -19.13
C ALA A 61 17.45 23.01 -18.68
N ILE A 62 17.13 21.98 -19.45
CA ILE A 62 17.57 20.63 -19.15
C ILE A 62 18.25 20.05 -20.39
N ILE A 63 19.51 19.63 -20.24
CA ILE A 63 20.26 19.06 -21.35
C ILE A 63 20.39 17.56 -21.08
N ILE A 64 19.79 16.76 -21.95
CA ILE A 64 19.79 15.31 -21.76
C ILE A 64 20.65 14.54 -22.75
N ALA A 65 21.33 13.51 -22.24
CA ALA A 65 22.15 12.65 -23.08
C ALA A 65 21.65 11.23 -22.93
N GLU A 66 21.49 10.54 -24.05
CA GLU A 66 21.08 9.14 -24.04
C GLU A 66 22.15 8.41 -24.83
N ILE A 67 22.67 7.32 -24.28
CA ILE A 67 23.72 6.56 -24.92
C ILE A 67 23.40 5.07 -24.98
N ARG A 68 23.64 4.46 -26.13
CA ARG A 68 23.39 3.03 -26.32
C ARG A 68 24.62 2.35 -26.88
N SER A 69 24.92 1.18 -26.33
CA SER A 69 26.09 0.42 -26.75
C SER A 69 25.78 -0.79 -27.60
N ARG A 70 26.81 -1.26 -28.29
CA ARG A 70 26.74 -2.41 -29.16
C ARG A 70 26.14 -3.61 -28.44
N ASP A 71 26.59 -3.87 -27.22
CA ASP A 71 26.11 -5.03 -26.48
C ASP A 71 24.74 -4.89 -25.80
N GLY A 72 23.98 -3.88 -26.17
CA GLY A 72 22.63 -3.72 -25.64
C GLY A 72 22.41 -2.91 -24.38
N PHE A 73 23.44 -2.19 -23.91
CA PHE A 73 23.27 -1.40 -22.70
C PHE A 73 22.94 0.05 -23.05
N GLU A 74 22.43 0.80 -22.08
CA GLU A 74 22.11 2.19 -22.33
C GLU A 74 22.16 3.01 -21.05
N GLY A 75 22.38 4.30 -21.21
CA GLY A 75 22.44 5.17 -20.06
C GLY A 75 21.78 6.49 -20.38
N VAL A 76 21.38 7.21 -19.33
CA VAL A 76 20.76 8.50 -19.51
C VAL A 76 21.31 9.38 -18.41
N GLY A 77 21.53 10.66 -18.74
CA GLY A 77 22.05 11.60 -17.76
C GLY A 77 21.65 12.99 -18.20
N PHE A 78 21.86 13.98 -17.34
CA PHE A 78 21.49 15.33 -17.69
C PHE A 78 22.20 16.39 -16.87
N SER A 79 22.18 17.62 -17.38
CA SER A 79 22.73 18.76 -16.67
C SER A 79 21.62 19.80 -16.82
N TYR A 80 21.85 21.02 -16.37
CA TYR A 80 20.78 22.00 -16.44
C TYR A 80 21.34 23.39 -16.34
N SER A 81 20.46 24.36 -16.53
CA SER A 81 20.82 25.76 -16.38
C SER A 81 19.62 26.57 -15.93
N LYS A 82 19.84 27.39 -14.91
CA LYS A 82 18.81 28.28 -14.39
C LYS A 82 19.24 29.64 -14.88
N ARG A 83 18.46 30.16 -15.83
CA ARG A 83 18.71 31.41 -16.52
C ARG A 83 19.65 31.06 -17.68
N ALA A 84 20.29 32.05 -18.29
CA ALA A 84 21.14 31.80 -19.45
C ALA A 84 22.24 30.76 -19.26
N GLY A 85 22.36 29.85 -20.22
CA GLY A 85 23.38 28.82 -20.14
C GLY A 85 22.98 27.53 -20.82
N GLY A 86 21.68 27.26 -20.91
CA GLY A 86 21.23 26.04 -21.55
C GLY A 86 21.57 25.92 -23.03
N GLN A 87 21.45 27.02 -23.77
CA GLN A 87 21.76 27.00 -25.19
C GLN A 87 23.23 26.66 -25.45
N GLY A 88 24.11 27.26 -24.64
CA GLY A 88 25.53 27.00 -24.79
C GLY A 88 25.96 25.61 -24.39
N ILE A 89 25.32 25.05 -23.36
CA ILE A 89 25.65 23.71 -22.90
C ILE A 89 25.24 22.70 -23.97
N TYR A 90 24.03 22.85 -24.50
CA TYR A 90 23.54 21.94 -25.53
C TYR A 90 24.40 22.06 -26.79
N ALA A 91 24.66 23.29 -27.22
CA ALA A 91 25.44 23.53 -28.42
C ALA A 91 26.83 22.88 -28.34
N HIS A 92 27.50 23.01 -27.20
CA HIS A 92 28.81 22.40 -27.07
C HIS A 92 28.71 20.89 -27.05
N ALA A 93 27.78 20.35 -26.28
CA ALA A 93 27.61 18.89 -26.20
C ALA A 93 27.41 18.33 -27.61
N LYS A 94 26.65 19.07 -28.41
CA LYS A 94 26.36 18.66 -29.78
C LYS A 94 27.62 18.70 -30.65
N GLU A 95 28.51 19.66 -30.37
CA GLU A 95 29.71 19.77 -31.16
C GLU A 95 30.78 18.75 -30.80
N ILE A 96 30.65 18.11 -29.64
CA ILE A 96 31.65 17.11 -29.23
C ILE A 96 31.13 15.66 -29.10
N ALA A 97 29.82 15.48 -29.08
CA ALA A 97 29.22 14.15 -28.91
C ALA A 97 29.70 13.04 -29.86
N ASP A 98 29.96 13.36 -31.12
CA ASP A 98 30.39 12.31 -32.06
C ASP A 98 31.66 11.60 -31.62
N ASN A 99 32.42 12.24 -30.73
CA ASN A 99 33.67 11.67 -30.22
C ASN A 99 33.41 10.42 -29.39
N LEU A 100 32.14 10.22 -29.00
CA LEU A 100 31.76 9.06 -28.20
C LEU A 100 31.65 7.78 -28.99
N LEU A 101 31.30 7.89 -30.27
CA LEU A 101 31.14 6.71 -31.11
C LEU A 101 32.40 5.86 -31.19
N GLY A 102 32.26 4.56 -30.95
CA GLY A 102 33.39 3.66 -31.02
C GLY A 102 34.22 3.51 -29.75
N GLU A 103 33.90 4.29 -28.71
CA GLU A 103 34.64 4.23 -27.45
C GLU A 103 34.08 3.15 -26.52
N ASP A 104 34.96 2.59 -25.68
CA ASP A 104 34.52 1.59 -24.70
C ASP A 104 33.86 2.45 -23.62
N PRO A 105 32.54 2.33 -23.46
CA PRO A 105 31.82 3.12 -22.45
C PRO A 105 32.24 2.94 -21.00
N ASN A 106 33.01 1.89 -20.71
CA ASN A 106 33.44 1.65 -19.33
C ASN A 106 34.61 2.52 -18.89
N ASP A 107 35.37 3.03 -19.87
CA ASP A 107 36.51 3.88 -19.57
C ASP A 107 36.01 5.32 -19.54
N ILE A 108 35.23 5.63 -18.50
CA ILE A 108 34.62 6.93 -18.31
C ILE A 108 35.62 8.08 -18.23
N ASP A 109 36.66 7.91 -17.42
CA ASP A 109 37.65 8.95 -17.29
C ASP A 109 38.42 9.17 -18.59
N LYS A 110 38.72 8.07 -19.28
CA LYS A 110 39.45 8.15 -20.55
C LYS A 110 38.61 8.97 -21.53
N ILE A 111 37.32 8.67 -21.58
CA ILE A 111 36.41 9.38 -22.46
C ILE A 111 36.32 10.86 -22.08
N TYR A 112 36.22 11.12 -20.78
CA TYR A 112 36.13 12.49 -20.29
C TYR A 112 37.31 13.28 -20.82
N THR A 113 38.50 12.71 -20.69
CA THR A 113 39.71 13.37 -21.14
C THR A 113 39.69 13.63 -22.65
N LYS A 114 39.13 12.69 -23.41
CA LYS A 114 39.04 12.84 -24.85
C LYS A 114 38.11 14.02 -25.18
N LEU A 115 36.99 14.10 -24.47
CA LEU A 115 36.03 15.18 -24.70
C LEU A 115 36.68 16.53 -24.34
N LEU A 116 37.50 16.54 -23.29
CA LEU A 116 38.19 17.77 -22.90
C LEU A 116 39.19 18.22 -23.97
N TRP A 117 39.93 17.28 -24.56
CA TRP A 117 40.88 17.62 -25.60
C TRP A 117 40.16 18.05 -26.87
N ALA A 118 39.00 17.47 -27.12
CA ALA A 118 38.20 17.82 -28.30
C ALA A 118 37.70 19.26 -28.17
N GLY A 119 37.57 19.73 -26.94
CA GLY A 119 37.13 21.09 -26.69
C GLY A 119 38.13 21.85 -25.83
N ALA A 120 39.42 21.59 -26.06
CA ALA A 120 40.47 22.22 -25.27
C ALA A 120 40.47 23.73 -25.24
N SER A 121 40.01 24.36 -26.32
CA SER A 121 39.99 25.80 -26.41
C SER A 121 39.04 26.49 -25.40
N VAL A 122 38.01 25.78 -24.95
CA VAL A 122 37.05 26.34 -24.02
C VAL A 122 37.20 25.97 -22.54
N GLY A 123 38.37 25.47 -22.17
CA GLY A 123 38.65 25.19 -20.77
C GLY A 123 38.33 23.87 -20.11
N ARG A 124 38.60 23.80 -18.81
CA ARG A 124 38.37 22.61 -18.00
C ARG A 124 37.48 22.90 -16.80
N SER A 125 36.66 23.92 -16.93
CA SER A 125 35.73 24.32 -15.88
C SER A 125 34.66 25.12 -16.59
N GLY A 126 33.54 25.37 -15.92
CA GLY A 126 32.51 26.16 -16.56
C GLY A 126 31.58 25.41 -17.49
N MET A 127 30.96 26.18 -18.38
CA MET A 127 29.97 25.68 -19.33
C MET A 127 30.37 24.46 -20.14
N ALA A 128 31.65 24.36 -20.52
CA ALA A 128 32.11 23.22 -21.30
C ALA A 128 32.07 21.89 -20.54
N VAL A 129 32.38 21.90 -19.25
CA VAL A 129 32.32 20.65 -18.49
C VAL A 129 30.86 20.35 -18.17
N GLN A 130 30.03 21.40 -18.15
CA GLN A 130 28.61 21.22 -17.88
C GLN A 130 27.96 20.54 -19.08
N ALA A 131 28.62 20.60 -20.23
CA ALA A 131 28.16 19.97 -21.47
C ALA A 131 28.58 18.49 -21.46
N ILE A 132 29.65 18.21 -20.73
CA ILE A 132 30.15 16.85 -20.61
C ILE A 132 29.34 16.13 -19.52
N SER A 133 28.84 16.89 -18.54
CA SER A 133 28.06 16.32 -17.44
C SER A 133 26.98 15.30 -17.84
N PRO A 134 26.10 15.67 -18.78
CA PRO A 134 25.03 14.75 -19.22
C PRO A 134 25.60 13.43 -19.70
N ILE A 135 26.69 13.51 -20.45
CA ILE A 135 27.37 12.34 -20.99
C ILE A 135 28.04 11.53 -19.88
N ASP A 136 28.81 12.22 -19.04
CA ASP A 136 29.50 11.56 -17.93
C ASP A 136 28.47 10.84 -17.07
N ILE A 137 27.39 11.53 -16.74
CA ILE A 137 26.35 10.96 -15.91
C ILE A 137 25.67 9.76 -16.59
N ALA A 138 25.45 9.84 -17.89
CA ALA A 138 24.82 8.72 -18.60
C ALA A 138 25.71 7.48 -18.61
N LEU A 139 27.04 7.67 -18.68
CA LEU A 139 27.96 6.52 -18.69
C LEU A 139 27.99 5.82 -17.32
N TRP A 140 27.84 6.59 -16.24
CA TRP A 140 27.82 5.97 -14.90
C TRP A 140 26.50 5.24 -14.73
N ASP A 141 25.42 5.83 -15.25
CA ASP A 141 24.10 5.21 -15.19
C ASP A 141 24.18 3.85 -15.91
N MET A 142 24.81 3.84 -17.09
CA MET A 142 24.98 2.62 -17.88
C MET A 142 25.83 1.57 -17.15
N LYS A 143 26.95 1.98 -16.56
CA LYS A 143 27.80 1.00 -15.88
C LYS A 143 27.09 0.36 -14.69
N ALA A 144 26.31 1.15 -13.96
CA ALA A 144 25.56 0.64 -12.81
C ALA A 144 24.53 -0.36 -13.31
N LYS A 145 23.86 -0.01 -14.41
CA LYS A 145 22.85 -0.90 -14.98
C LYS A 145 23.52 -2.18 -15.49
N ARG A 146 24.76 -2.07 -15.95
CA ARG A 146 25.50 -3.23 -16.45
C ARG A 146 25.76 -4.19 -15.29
N ALA A 147 25.93 -3.63 -14.10
CA ALA A 147 26.18 -4.42 -12.90
C ALA A 147 24.89 -4.86 -12.23
N GLY A 148 23.76 -4.39 -12.76
CA GLY A 148 22.46 -4.74 -12.17
C GLY A 148 22.32 -4.10 -10.80
N LEU A 149 22.85 -2.89 -10.65
CA LEU A 149 22.80 -2.20 -9.37
C LEU A 149 22.37 -0.75 -9.41
N PRO A 150 21.79 -0.27 -8.30
CA PRO A 150 21.38 1.14 -8.25
C PRO A 150 22.76 1.83 -8.27
N LEU A 151 22.87 3.05 -8.80
CA LEU A 151 24.17 3.71 -8.84
C LEU A 151 24.87 3.77 -7.46
N ALA A 152 24.11 4.02 -6.41
CA ALA A 152 24.68 4.10 -5.05
C ALA A 152 25.44 2.82 -4.68
N LYS A 153 24.93 1.69 -5.14
CA LYS A 153 25.54 0.40 -4.86
C LYS A 153 26.78 0.14 -5.72
N LEU A 154 26.79 0.68 -6.94
CA LEU A 154 27.95 0.51 -7.79
C LEU A 154 29.09 1.29 -7.13
N LEU A 155 28.79 2.49 -6.64
CA LEU A 155 29.80 3.31 -5.97
C LEU A 155 30.14 2.71 -4.61
N GLY A 156 29.15 2.11 -3.98
CA GLY A 156 29.34 1.55 -2.65
C GLY A 156 28.66 2.54 -1.72
N ALA A 157 27.61 2.09 -1.04
CA ALA A 157 26.87 2.96 -0.16
C ALA A 157 27.21 2.78 1.31
N HIS A 158 27.04 3.87 2.06
CA HIS A 158 27.30 3.89 3.49
C HIS A 158 25.95 3.95 4.19
N ARG A 159 24.90 4.20 3.42
CA ARG A 159 23.54 4.29 3.95
C ARG A 159 22.55 4.04 2.83
N ASP A 160 21.36 3.57 3.19
CA ASP A 160 20.34 3.27 2.19
C ASP A 160 19.28 4.37 2.02
N SER A 161 19.45 5.48 2.73
CA SER A 161 18.55 6.62 2.65
C SER A 161 19.34 7.82 3.17
N VAL A 162 18.91 9.03 2.81
CA VAL A 162 19.64 10.22 3.24
C VAL A 162 18.73 11.34 3.76
N GLN A 163 19.13 11.94 4.88
CA GLN A 163 18.37 13.04 5.48
C GLN A 163 18.05 14.00 4.35
N CYS A 164 16.80 14.42 4.26
CA CYS A 164 16.36 15.32 3.19
C CYS A 164 15.64 16.55 3.74
N TYR A 165 15.98 17.73 3.21
CA TYR A 165 15.35 18.97 3.63
C TYR A 165 14.77 19.66 2.40
N ASN A 166 13.73 20.46 2.58
CA ASN A 166 13.12 21.16 1.45
C ASN A 166 13.54 22.61 1.29
N THR A 167 13.67 23.01 0.03
CA THR A 167 14.06 24.38 -0.31
C THR A 167 12.96 25.15 -1.05
N SER A 168 12.23 24.46 -1.92
CA SER A 168 11.19 25.09 -2.73
C SER A 168 10.08 25.83 -1.99
N GLY A 169 9.89 25.53 -0.71
CA GLY A 169 8.84 26.21 0.03
C GLY A 169 9.30 27.41 0.86
N GLY A 170 10.57 27.78 0.75
CA GLY A 170 11.06 28.91 1.53
C GLY A 170 11.70 30.04 0.76
N PHE A 171 11.23 30.28 -0.46
CA PHE A 171 11.77 31.34 -1.29
C PHE A 171 11.25 32.71 -0.90
N LEU A 172 11.96 33.75 -1.31
CA LEU A 172 11.63 35.12 -0.96
C LEU A 172 10.43 35.78 -1.64
N HIS A 173 9.90 35.16 -2.70
CA HIS A 173 8.74 35.73 -3.37
C HIS A 173 7.50 35.26 -2.61
N THR A 174 7.70 34.33 -1.68
CA THR A 174 6.60 33.77 -0.90
C THR A 174 6.32 34.51 0.41
N PRO A 175 5.08 34.98 0.60
CA PRO A 175 4.71 35.70 1.82
C PRO A 175 4.94 34.79 3.03
N LEU A 176 5.26 35.38 4.18
CA LEU A 176 5.50 34.58 5.38
C LEU A 176 4.34 33.65 5.70
N ASP A 177 3.12 34.15 5.52
CA ASP A 177 1.93 33.34 5.80
C ASP A 177 1.98 32.02 5.05
N GLN A 178 2.28 32.09 3.75
CA GLN A 178 2.39 30.93 2.88
C GLN A 178 3.59 30.05 3.26
N VAL A 179 4.70 30.67 3.63
CA VAL A 179 5.89 29.91 4.01
C VAL A 179 5.57 29.02 5.21
N LEU A 180 4.81 29.54 6.17
CA LEU A 180 4.44 28.76 7.35
C LEU A 180 3.52 27.60 6.96
N LYS A 181 2.67 27.84 5.98
CA LYS A 181 1.78 26.78 5.48
C LYS A 181 2.63 25.71 4.78
N ASN A 182 3.66 26.15 4.05
CA ASN A 182 4.55 25.23 3.34
C ASN A 182 5.28 24.32 4.30
N VAL A 183 5.72 24.90 5.41
CA VAL A 183 6.44 24.15 6.44
C VAL A 183 5.59 22.98 6.92
N VAL A 184 4.30 23.23 7.09
CA VAL A 184 3.38 22.19 7.54
C VAL A 184 3.22 21.13 6.44
N ILE A 185 3.01 21.59 5.20
CA ILE A 185 2.86 20.64 4.09
C ILE A 185 4.08 19.73 4.00
N SER A 186 5.26 20.32 4.08
CA SER A 186 6.51 19.57 3.99
C SER A 186 6.69 18.61 5.16
N ARG A 187 6.47 19.11 6.35
CA ARG A 187 6.61 18.29 7.55
C ARG A 187 5.65 17.11 7.55
N GLU A 188 4.41 17.34 7.11
CA GLU A 188 3.42 16.27 7.07
C GLU A 188 3.74 15.27 5.97
N ASN A 189 4.52 15.70 4.98
CA ASN A 189 4.90 14.83 3.88
C ASN A 189 6.20 14.07 4.16
N GLY A 190 6.68 14.18 5.40
CA GLY A 190 7.89 13.47 5.80
C GLY A 190 9.23 14.14 5.58
N ILE A 191 9.26 15.45 5.38
CA ILE A 191 10.53 16.14 5.16
C ILE A 191 11.37 16.07 6.43
N GLY A 192 12.70 16.13 6.28
CA GLY A 192 13.57 16.04 7.42
C GLY A 192 14.15 17.38 7.87
N GLY A 193 13.86 18.44 7.12
CA GLY A 193 14.37 19.77 7.44
C GLY A 193 13.78 20.83 6.54
N ILE A 194 13.97 22.09 6.92
CA ILE A 194 13.46 23.24 6.17
C ILE A 194 14.57 24.28 5.97
N LYS A 195 14.75 24.74 4.73
CA LYS A 195 15.75 25.77 4.48
C LYS A 195 14.96 27.02 4.09
N LEU A 196 15.34 28.17 4.63
CA LEU A 196 14.67 29.42 4.34
C LEU A 196 15.60 30.37 3.61
N LYS A 197 15.13 30.95 2.52
CA LYS A 197 15.96 31.90 1.78
C LYS A 197 15.99 33.22 2.54
N VAL A 198 17.19 33.76 2.72
CA VAL A 198 17.37 35.03 3.40
C VAL A 198 18.32 35.85 2.53
N GLY A 199 18.78 36.99 3.03
CA GLY A 199 19.69 37.80 2.24
C GLY A 199 19.03 38.99 1.55
N GLN A 200 17.76 39.24 1.86
CA GLN A 200 17.09 40.37 1.25
C GLN A 200 17.60 41.65 1.91
N PRO A 201 17.49 42.79 1.22
CA PRO A 201 17.97 44.07 1.79
C PRO A 201 17.44 44.34 3.19
N ASN A 202 16.15 44.08 3.40
CA ASN A 202 15.54 44.30 4.71
C ASN A 202 15.90 43.15 5.65
N CYS A 203 17.03 43.28 6.32
CA CYS A 203 17.49 42.24 7.23
C CYS A 203 16.48 41.94 8.33
N ALA A 204 15.87 42.99 8.86
CA ALA A 204 14.88 42.85 9.91
C ALA A 204 13.76 41.92 9.46
N GLU A 205 13.37 42.01 8.20
CA GLU A 205 12.31 41.16 7.69
C GLU A 205 12.76 39.70 7.64
N ASP A 206 14.02 39.46 7.29
CA ASP A 206 14.51 38.09 7.26
C ASP A 206 14.49 37.52 8.68
N ILE A 207 14.87 38.35 9.66
CA ILE A 207 14.88 37.90 11.04
C ILE A 207 13.46 37.58 11.50
N ARG A 208 12.50 38.38 11.05
CA ARG A 208 11.10 38.19 11.39
C ARG A 208 10.63 36.84 10.84
N ARG A 209 10.88 36.61 9.56
CA ARG A 209 10.48 35.38 8.90
C ARG A 209 11.13 34.17 9.57
N LEU A 210 12.44 34.24 9.80
CA LEU A 210 13.16 33.15 10.43
C LEU A 210 12.66 32.82 11.84
N THR A 211 12.36 33.86 12.62
CA THR A 211 11.86 33.64 13.97
C THR A 211 10.50 32.95 13.94
N ALA A 212 9.68 33.32 12.97
CA ALA A 212 8.35 32.74 12.83
C ALA A 212 8.45 31.25 12.45
N VAL A 213 9.37 30.94 11.53
CA VAL A 213 9.54 29.55 11.10
C VAL A 213 10.04 28.68 12.24
N ARG A 214 11.01 29.19 13.01
CA ARG A 214 11.53 28.40 14.14
C ARG A 214 10.45 28.19 15.19
N GLU A 215 9.66 29.23 15.45
CA GLU A 215 8.59 29.16 16.43
C GLU A 215 7.59 28.10 15.98
N ALA A 216 7.26 28.12 14.70
CA ALA A 216 6.30 27.17 14.13
C ALA A 216 6.82 25.74 14.09
N LEU A 217 8.14 25.58 13.99
CA LEU A 217 8.74 24.25 13.93
C LEU A 217 9.06 23.62 15.27
N GLY A 218 9.31 24.45 16.27
CA GLY A 218 9.67 23.93 17.57
C GLY A 218 11.19 23.96 17.57
N ASP A 219 11.79 23.86 18.75
CA ASP A 219 13.24 23.92 18.90
C ASP A 219 14.11 22.88 18.21
N GLU A 220 13.65 21.64 18.14
CA GLU A 220 14.45 20.56 17.58
C GLU A 220 14.48 20.35 16.07
N PHE A 221 13.44 20.75 15.35
CA PHE A 221 13.43 20.50 13.91
C PHE A 221 14.58 21.16 13.16
N PRO A 222 15.23 20.38 12.27
CA PRO A 222 16.34 20.90 11.47
C PRO A 222 15.91 22.07 10.60
N LEU A 223 16.59 23.20 10.77
CA LEU A 223 16.31 24.41 10.03
C LEU A 223 17.62 25.03 9.55
N MET A 224 17.64 25.49 8.30
CA MET A 224 18.84 26.11 7.75
C MET A 224 18.47 27.36 6.94
N VAL A 225 19.44 28.24 6.69
CA VAL A 225 19.15 29.43 5.90
C VAL A 225 20.15 29.57 4.78
N ASP A 226 19.76 30.32 3.74
CA ASP A 226 20.60 30.49 2.56
C ASP A 226 20.49 31.92 2.06
N ALA A 227 21.61 32.65 2.06
CA ALA A 227 21.60 34.05 1.62
C ALA A 227 21.95 34.23 0.15
N ASN A 228 22.31 33.14 -0.51
CA ASN A 228 22.68 33.18 -1.94
C ASN A 228 23.66 34.29 -2.32
N GLN A 229 24.71 34.43 -1.50
CA GLN A 229 25.79 35.40 -1.72
C GLN A 229 25.43 36.86 -1.53
N GLN A 230 24.25 37.16 -1.01
CA GLN A 230 23.84 38.55 -0.93
C GLN A 230 24.22 39.48 0.22
N TRP A 231 25.00 39.00 1.19
CA TRP A 231 25.41 39.88 2.28
C TRP A 231 26.86 40.27 2.08
N ASP A 232 27.28 41.39 2.67
CA ASP A 232 28.70 41.74 2.58
C ASP A 232 29.24 41.13 3.87
N ARG A 233 30.55 41.21 4.07
CA ARG A 233 31.15 40.63 5.27
C ARG A 233 30.62 41.23 6.57
N GLU A 234 30.37 42.55 6.56
CA GLU A 234 29.86 43.24 7.76
C GLU A 234 28.48 42.72 8.16
N THR A 235 27.60 42.62 7.17
CA THR A 235 26.24 42.16 7.42
C THR A 235 26.19 40.68 7.81
N ALA A 236 26.98 39.86 7.11
CA ALA A 236 27.01 38.42 7.38
C ALA A 236 27.37 38.08 8.83
N ILE A 237 28.40 38.71 9.37
CA ILE A 237 28.80 38.42 10.74
C ILE A 237 27.72 38.86 11.72
N ARG A 238 27.11 40.01 11.43
CA ARG A 238 26.06 40.54 12.27
C ARG A 238 24.86 39.59 12.24
N MET A 239 24.41 39.19 11.05
CA MET A 239 23.29 38.26 10.99
C MET A 239 23.70 36.94 11.64
N GLY A 240 24.93 36.50 11.39
CA GLY A 240 25.41 35.27 11.99
C GLY A 240 25.26 35.29 13.50
N ARG A 241 25.76 36.34 14.14
CA ARG A 241 25.66 36.47 15.59
C ARG A 241 24.21 36.37 16.04
N LYS A 242 23.35 37.12 15.37
CA LYS A 242 21.94 37.15 15.69
C LYS A 242 21.19 35.83 15.44
N MET A 243 21.72 34.99 14.55
CA MET A 243 21.06 33.72 14.24
C MET A 243 21.57 32.52 15.06
N GLU A 244 22.59 32.75 15.88
CA GLU A 244 23.14 31.67 16.70
C GLU A 244 22.04 31.05 17.56
N GLN A 245 21.14 31.90 18.05
CA GLN A 245 20.04 31.46 18.92
C GLN A 245 19.12 30.44 18.27
N PHE A 246 18.99 30.50 16.94
CA PHE A 246 18.10 29.58 16.23
C PHE A 246 18.63 28.17 16.05
N ASN A 247 19.89 27.94 16.42
CA ASN A 247 20.53 26.63 16.31
C ASN A 247 20.37 26.01 14.92
N LEU A 248 20.71 26.78 13.90
CA LEU A 248 20.60 26.33 12.51
C LEU A 248 21.57 25.21 12.15
N ILE A 249 21.15 24.36 11.22
CA ILE A 249 22.02 23.27 10.76
C ILE A 249 23.17 23.96 10.02
N TRP A 250 22.86 25.03 9.30
CA TRP A 250 23.89 25.81 8.60
C TRP A 250 23.37 27.12 8.05
N ILE A 251 24.31 27.99 7.68
CA ILE A 251 24.03 29.27 7.05
C ILE A 251 24.75 29.06 5.71
N GLU A 252 23.99 29.15 4.62
CA GLU A 252 24.53 28.89 3.30
C GLU A 252 24.79 30.14 2.46
N GLU A 253 25.89 30.11 1.73
CA GLU A 253 26.29 31.22 0.87
C GLU A 253 26.11 32.60 1.49
N PRO A 254 26.72 32.85 2.66
CA PRO A 254 26.56 34.17 3.25
C PRO A 254 27.21 35.27 2.38
N LEU A 255 28.23 34.88 1.62
CA LEU A 255 28.96 35.83 0.78
C LEU A 255 29.19 35.32 -0.63
N ASP A 256 29.82 36.16 -1.45
CA ASP A 256 30.15 35.80 -2.83
C ASP A 256 30.81 34.43 -2.80
N ALA A 257 30.40 33.55 -3.72
CA ALA A 257 30.92 32.19 -3.80
C ALA A 257 32.43 32.08 -3.90
N TYR A 258 33.09 33.15 -4.32
CA TYR A 258 34.53 33.13 -4.45
C TYR A 258 35.25 33.88 -3.34
N ASP A 259 34.51 34.35 -2.33
CA ASP A 259 35.13 35.04 -1.21
C ASP A 259 35.57 33.95 -0.23
N ILE A 260 36.73 33.36 -0.51
CA ILE A 260 37.26 32.26 0.31
C ILE A 260 37.60 32.69 1.74
N GLU A 261 38.43 33.72 1.88
CA GLU A 261 38.80 34.18 3.21
C GLU A 261 37.60 34.72 3.99
N GLY A 262 36.65 35.31 3.27
CA GLY A 262 35.45 35.82 3.92
C GLY A 262 34.67 34.68 4.57
N HIS A 263 34.40 33.62 3.80
CA HIS A 263 33.68 32.47 4.34
C HIS A 263 34.48 31.83 5.47
N ALA A 264 35.79 31.68 5.27
CA ALA A 264 36.66 31.07 6.28
C ALA A 264 36.56 31.82 7.59
N GLN A 265 36.52 33.14 7.51
CA GLN A 265 36.41 33.99 8.69
C GLN A 265 35.08 33.74 9.39
N LEU A 266 34.00 33.70 8.63
CA LEU A 266 32.69 33.44 9.22
C LEU A 266 32.67 32.07 9.88
N ALA A 267 33.17 31.06 9.18
CA ALA A 267 33.19 29.70 9.71
C ALA A 267 33.94 29.60 11.03
N ALA A 268 35.07 30.29 11.14
CA ALA A 268 35.85 30.25 12.37
C ALA A 268 35.25 31.08 13.49
N ALA A 269 34.56 32.17 13.13
CA ALA A 269 33.96 33.05 14.13
C ALA A 269 32.66 32.56 14.73
N LEU A 270 31.90 31.78 13.97
CA LEU A 270 30.60 31.30 14.45
C LEU A 270 30.55 29.81 14.77
N ASP A 271 29.73 29.44 15.75
CA ASP A 271 29.56 28.03 16.10
C ASP A 271 28.66 27.39 15.04
N THR A 272 27.72 28.17 14.53
CA THR A 272 26.81 27.68 13.49
C THR A 272 27.63 27.31 12.25
N PRO A 273 27.37 26.12 11.68
CA PRO A 273 28.11 25.72 10.49
C PRO A 273 27.88 26.63 9.30
N ILE A 274 28.91 26.77 8.48
CA ILE A 274 28.82 27.58 7.27
C ILE A 274 28.82 26.60 6.11
N ALA A 275 28.01 26.87 5.09
CA ALA A 275 27.91 26.00 3.92
C ALA A 275 28.01 26.82 2.63
N THR A 276 28.66 26.27 1.60
CA THR A 276 28.77 26.98 0.33
C THR A 276 29.26 26.06 -0.79
N GLY A 277 29.15 26.52 -2.03
CA GLY A 277 29.65 25.73 -3.14
C GLY A 277 28.76 25.43 -4.34
N GLU A 278 27.45 25.66 -4.21
CA GLU A 278 26.56 25.33 -5.32
C GLU A 278 26.92 26.01 -6.65
N MET A 279 27.50 27.20 -6.59
CA MET A 279 27.80 27.91 -7.83
C MET A 279 29.12 27.56 -8.51
N LEU A 280 29.98 26.81 -7.83
CA LEU A 280 31.28 26.46 -8.40
C LEU A 280 31.11 25.49 -9.56
N THR A 281 31.98 25.62 -10.56
CA THR A 281 31.87 24.79 -11.76
C THR A 281 33.06 23.90 -12.10
N SER A 282 33.69 23.32 -11.08
CA SER A 282 34.81 22.41 -11.32
C SER A 282 35.41 21.92 -10.03
N PHE A 283 36.18 20.83 -10.12
CA PHE A 283 36.86 20.30 -8.95
C PHE A 283 37.85 21.37 -8.46
N ARG A 284 38.55 22.01 -9.40
CA ARG A 284 39.55 23.03 -9.08
C ARG A 284 39.00 24.18 -8.23
N GLU A 285 37.80 24.64 -8.57
CA GLU A 285 37.19 25.73 -7.80
C GLU A 285 36.84 25.28 -6.39
N HIS A 286 36.28 24.08 -6.28
CA HIS A 286 35.93 23.56 -4.96
C HIS A 286 37.20 23.34 -4.14
N GLU A 287 38.25 22.86 -4.78
CA GLU A 287 39.51 22.60 -4.08
C GLU A 287 40.05 23.86 -3.43
N GLN A 288 39.92 24.99 -4.13
CA GLN A 288 40.41 26.26 -3.60
C GLN A 288 39.66 26.65 -2.32
N LEU A 289 38.36 26.44 -2.31
CA LEU A 289 37.58 26.76 -1.13
C LEU A 289 37.89 25.82 0.02
N ILE A 290 38.01 24.53 -0.27
CA ILE A 290 38.29 23.54 0.76
C ILE A 290 39.69 23.76 1.36
N LEU A 291 40.70 23.98 0.53
CA LEU A 291 42.05 24.23 1.04
C LEU A 291 42.03 25.52 1.86
N GLY A 292 41.10 26.40 1.53
CA GLY A 292 40.99 27.67 2.23
C GLY A 292 40.11 27.61 3.47
N ASN A 293 39.59 26.43 3.79
CA ASN A 293 38.75 26.26 4.97
C ASN A 293 37.53 27.17 4.96
N ALA A 294 36.95 27.36 3.78
CA ALA A 294 35.79 28.23 3.64
C ALA A 294 34.51 27.78 4.33
N SER A 295 34.24 26.47 4.36
CA SER A 295 32.99 26.01 4.94
C SER A 295 33.01 24.67 5.66
N ASP A 296 32.04 24.50 6.56
CA ASP A 296 31.87 23.27 7.34
C ASP A 296 31.14 22.25 6.47
N PHE A 297 30.26 22.73 5.59
CA PHE A 297 29.53 21.87 4.66
C PHE A 297 29.97 22.23 3.24
N VAL A 298 30.26 21.23 2.44
CA VAL A 298 30.66 21.45 1.05
C VAL A 298 29.43 21.09 0.23
N GLN A 299 29.02 21.99 -0.65
CA GLN A 299 27.82 21.77 -1.45
C GLN A 299 28.06 21.77 -2.95
N PRO A 300 28.61 20.66 -3.50
CA PRO A 300 28.90 20.52 -4.92
C PRO A 300 27.60 20.20 -5.67
N ASP A 301 27.62 20.41 -6.98
CA ASP A 301 26.47 20.17 -7.85
C ASP A 301 27.04 19.38 -9.04
N ALA A 302 26.74 18.08 -9.11
CA ALA A 302 27.26 17.23 -10.18
C ALA A 302 27.14 17.88 -11.55
N PRO A 303 25.92 18.25 -11.98
CA PRO A 303 25.81 18.88 -13.29
C PRO A 303 26.74 20.09 -13.47
N ARG A 304 26.81 20.93 -12.44
CA ARG A 304 27.64 22.14 -12.54
C ARG A 304 29.14 21.93 -12.56
N VAL A 305 29.63 20.90 -11.87
CA VAL A 305 31.07 20.68 -11.80
C VAL A 305 31.64 19.78 -12.90
N GLY A 306 30.77 19.24 -13.76
CA GLY A 306 31.28 18.39 -14.82
C GLY A 306 30.77 16.96 -14.82
N GLY A 307 29.91 16.62 -13.87
CA GLY A 307 29.37 15.27 -13.82
C GLY A 307 29.69 14.51 -12.54
N ILE A 308 29.44 13.22 -12.56
CA ILE A 308 29.71 12.37 -11.40
C ILE A 308 31.20 12.17 -11.18
N SER A 309 31.97 12.01 -12.26
CA SER A 309 33.40 11.78 -12.13
C SER A 309 34.10 12.90 -11.32
N PRO A 310 33.88 14.18 -11.66
CA PRO A 310 34.56 15.20 -10.85
C PRO A 310 33.93 15.35 -9.46
N PHE A 311 32.64 15.10 -9.35
CA PHE A 311 31.94 15.20 -8.06
C PHE A 311 32.57 14.22 -7.07
N LEU A 312 32.93 13.03 -7.55
CA LEU A 312 33.55 12.01 -6.71
C LEU A 312 34.88 12.49 -6.14
N LYS A 313 35.64 13.21 -6.96
CA LYS A 313 36.93 13.76 -6.52
C LYS A 313 36.70 14.83 -5.45
N ILE A 314 35.72 15.69 -5.68
CA ILE A 314 35.39 16.76 -4.72
C ILE A 314 34.97 16.13 -3.39
N MET A 315 34.14 15.09 -3.47
CA MET A 315 33.66 14.36 -2.31
C MET A 315 34.83 13.83 -1.48
N ASP A 316 35.74 13.14 -2.16
CA ASP A 316 36.89 12.57 -1.47
C ASP A 316 37.75 13.66 -0.80
N LEU A 317 37.92 14.79 -1.47
CA LEU A 317 38.72 15.88 -0.90
C LEU A 317 38.02 16.41 0.35
N ALA A 318 36.72 16.69 0.22
CA ALA A 318 35.93 17.19 1.34
C ALA A 318 36.02 16.24 2.52
N ALA A 319 35.95 14.95 2.26
CA ALA A 319 36.02 13.93 3.31
C ALA A 319 37.38 14.00 4.00
N LYS A 320 38.44 14.08 3.21
CA LYS A 320 39.79 14.15 3.76
C LYS A 320 39.90 15.35 4.71
N HIS A 321 39.19 16.43 4.41
CA HIS A 321 39.23 17.62 5.26
C HIS A 321 38.21 17.59 6.39
N GLY A 322 37.53 16.45 6.55
CA GLY A 322 36.54 16.28 7.60
C GLY A 322 35.27 17.10 7.49
N ARG A 323 34.95 17.53 6.27
CA ARG A 323 33.75 18.34 6.06
C ARG A 323 32.52 17.48 5.78
N LYS A 324 31.34 18.07 6.00
CA LYS A 324 30.07 17.40 5.74
C LYS A 324 29.69 17.70 4.30
N LEU A 325 28.82 16.87 3.71
CA LEU A 325 28.40 17.05 2.34
C LEU A 325 26.91 17.33 2.25
N ALA A 326 26.54 18.35 1.50
CA ALA A 326 25.14 18.71 1.28
C ALA A 326 25.06 19.19 -0.18
N PRO A 327 24.90 18.25 -1.13
CA PRO A 327 24.82 18.55 -2.57
C PRO A 327 23.66 19.48 -2.90
N HIS A 328 23.83 20.30 -3.93
CA HIS A 328 22.79 21.23 -4.35
C HIS A 328 21.90 20.70 -5.46
N PHE A 329 20.58 20.82 -5.26
CA PHE A 329 19.61 20.42 -6.29
C PHE A 329 19.77 18.98 -6.79
N ALA A 330 19.31 18.74 -8.01
CA ALA A 330 19.38 17.43 -8.68
C ALA A 330 19.41 16.22 -7.76
N MET A 331 18.42 16.12 -6.87
CA MET A 331 18.39 14.99 -5.94
C MET A 331 18.38 13.65 -6.67
N GLU A 332 17.87 13.63 -7.90
CA GLU A 332 17.83 12.38 -8.68
C GLU A 332 19.23 11.79 -8.89
N VAL A 333 20.25 12.64 -8.85
CA VAL A 333 21.62 12.19 -9.03
C VAL A 333 22.36 12.19 -7.68
N HIS A 334 22.19 13.27 -6.93
CA HIS A 334 22.86 13.43 -5.64
C HIS A 334 22.48 12.43 -4.56
N LEU A 335 21.29 11.85 -4.66
CA LEU A 335 20.86 10.86 -3.69
C LEU A 335 21.86 9.71 -3.67
N HIS A 336 22.31 9.30 -4.86
CA HIS A 336 23.25 8.20 -4.99
C HIS A 336 24.65 8.57 -4.52
N LEU A 337 25.08 9.78 -4.85
CA LEU A 337 26.40 10.26 -4.48
C LEU A 337 26.52 10.48 -2.97
N SER A 338 25.52 11.13 -2.38
CA SER A 338 25.53 11.37 -0.95
C SER A 338 25.41 10.06 -0.17
N ALA A 339 24.74 9.06 -0.74
CA ALA A 339 24.61 7.77 -0.07
C ALA A 339 25.99 7.12 0.05
N ALA A 340 26.88 7.50 -0.86
CA ALA A 340 28.24 6.97 -0.87
C ALA A 340 29.23 7.77 -0.04
N TYR A 341 28.81 8.92 0.49
CA TYR A 341 29.71 9.75 1.29
C TYR A 341 29.87 9.14 2.70
N PRO A 342 31.10 9.15 3.25
CA PRO A 342 31.37 8.59 4.58
C PRO A 342 30.67 9.25 5.78
N LEU A 343 30.61 10.57 5.80
CA LEU A 343 29.95 11.28 6.91
C LEU A 343 28.48 11.52 6.56
N GLU A 344 27.62 11.59 7.58
CA GLU A 344 26.18 11.78 7.38
C GLU A 344 25.90 13.06 6.57
N PRO A 345 25.34 12.90 5.36
CA PRO A 345 25.04 14.05 4.49
C PRO A 345 23.59 14.54 4.54
N TRP A 346 23.30 15.56 3.74
CA TRP A 346 21.97 16.13 3.60
C TRP A 346 21.63 16.23 2.11
N LEU A 347 20.38 15.94 1.76
CA LEU A 347 19.92 16.02 0.38
C LEU A 347 18.89 17.14 0.29
N GLU A 348 18.98 17.93 -0.78
CA GLU A 348 18.06 19.06 -0.99
C GLU A 348 16.89 18.71 -1.89
N HIS A 349 15.68 19.02 -1.42
CA HIS A 349 14.49 18.72 -2.19
C HIS A 349 13.79 19.89 -2.91
N PHE A 350 13.48 19.65 -4.18
CA PHE A 350 12.74 20.57 -5.06
C PHE A 350 11.85 19.56 -5.79
N GLU A 351 10.59 19.91 -6.04
CA GLU A 351 9.72 18.98 -6.77
C GLU A 351 9.78 19.29 -8.25
N TRP A 352 10.57 20.31 -8.58
CA TRP A 352 10.72 20.80 -9.96
C TRP A 352 10.96 19.80 -11.07
N LEU A 353 11.87 18.85 -10.85
CA LEU A 353 12.20 17.88 -11.89
C LEU A 353 11.31 16.66 -11.99
N ASN A 354 10.47 16.43 -10.99
CA ASN A 354 9.57 15.27 -10.97
C ASN A 354 8.88 14.94 -12.30
N PRO A 355 8.30 15.95 -12.98
CA PRO A 355 7.60 15.74 -14.25
C PRO A 355 8.44 15.15 -15.39
N LEU A 356 9.76 15.26 -15.28
CA LEU A 356 10.66 14.75 -16.32
C LEU A 356 10.83 13.24 -16.33
N PHE A 357 10.52 12.59 -15.21
CA PHE A 357 10.71 11.16 -15.09
C PHE A 357 9.39 10.43 -14.81
N ASN A 358 9.39 9.13 -15.05
CA ASN A 358 8.20 8.32 -14.81
C ASN A 358 8.16 7.77 -13.38
N GLU A 359 9.33 7.73 -12.74
CA GLU A 359 9.44 7.20 -11.39
C GLU A 359 9.65 8.31 -10.35
N GLN A 360 9.11 8.11 -9.16
CA GLN A 360 9.26 9.09 -8.09
C GLN A 360 10.03 8.49 -6.91
N LEU A 361 10.81 9.33 -6.23
CA LEU A 361 11.58 8.88 -5.08
C LEU A 361 10.71 8.87 -3.84
N GLU A 362 10.98 7.92 -2.95
CA GLU A 362 10.22 7.82 -1.72
C GLU A 362 10.79 8.70 -0.60
N LEU A 363 9.96 9.60 -0.08
CA LEU A 363 10.37 10.48 1.01
C LEU A 363 9.60 10.01 2.23
N ARG A 364 10.30 9.53 3.25
CA ARG A 364 9.63 9.05 4.43
C ARG A 364 10.47 9.15 5.69
N ASP A 365 9.82 9.56 6.77
CA ASP A 365 10.49 9.66 8.06
C ASP A 365 11.73 10.56 7.98
N GLY A 366 11.62 11.66 7.23
CA GLY A 366 12.70 12.63 7.10
C GLY A 366 13.87 12.29 6.18
N ARG A 367 13.77 11.15 5.49
CA ARG A 367 14.83 10.69 4.62
C ARG A 367 14.34 10.29 3.24
N MET A 368 15.21 10.39 2.24
CA MET A 368 14.87 10.00 0.87
C MET A 368 15.52 8.63 0.70
N TRP A 369 14.74 7.65 0.26
CA TRP A 369 15.24 6.30 0.11
C TRP A 369 15.71 5.94 -1.30
N ILE A 370 16.77 5.15 -1.38
CA ILE A 370 17.32 4.69 -2.65
C ILE A 370 16.46 3.50 -3.10
N SER A 371 15.90 3.57 -4.30
CA SER A 371 15.07 2.46 -4.79
C SER A 371 15.95 1.32 -5.26
N ASP A 372 15.33 0.21 -5.65
CA ASP A 372 16.10 -0.93 -6.13
C ASP A 372 16.34 -0.84 -7.63
N ARG A 373 15.80 0.19 -8.25
CA ARG A 373 15.99 0.38 -9.69
C ARG A 373 17.46 0.62 -10.01
N HIS A 374 17.90 0.07 -11.13
CA HIS A 374 19.31 0.16 -11.56
C HIS A 374 19.78 1.52 -12.08
N GLY A 375 21.07 1.80 -11.90
CA GLY A 375 21.60 3.08 -12.33
C GLY A 375 20.97 4.19 -11.52
N LEU A 376 20.64 5.30 -12.18
CA LEU A 376 20.02 6.44 -11.50
C LEU A 376 18.61 6.07 -11.07
N GLY A 377 18.01 5.10 -11.75
CA GLY A 377 16.66 4.66 -11.40
C GLY A 377 15.55 5.51 -11.99
N PHE A 378 15.82 6.13 -13.14
CA PHE A 378 14.81 6.98 -13.79
C PHE A 378 14.77 6.78 -15.30
N THR A 379 13.58 6.95 -15.87
CA THR A 379 13.39 6.87 -17.31
C THR A 379 12.71 8.19 -17.69
N LEU A 380 12.98 8.68 -18.90
CA LEU A 380 12.40 9.94 -19.33
C LEU A 380 10.90 9.84 -19.57
N SER A 381 10.16 10.83 -19.09
CA SER A 381 8.71 10.84 -19.26
C SER A 381 8.35 11.41 -20.62
N GLU A 382 7.10 11.21 -21.01
CA GLU A 382 6.61 11.73 -22.28
C GLU A 382 6.60 13.26 -22.17
N GLN A 383 6.39 13.77 -20.97
CA GLN A 383 6.37 15.20 -20.76
C GLN A 383 7.75 15.79 -21.08
N ALA A 384 8.79 15.04 -20.76
CA ALA A 384 10.16 15.48 -21.02
C ALA A 384 10.36 15.62 -22.53
N ARG A 385 9.74 14.72 -23.30
CA ARG A 385 9.86 14.77 -24.75
C ARG A 385 9.07 15.98 -25.26
N ARG A 386 7.89 16.19 -24.71
CA ARG A 386 7.06 17.32 -25.11
C ARG A 386 7.76 18.65 -24.85
N TRP A 387 8.53 18.73 -23.76
CA TRP A 387 9.23 19.97 -23.43
C TRP A 387 10.55 20.11 -24.16
N THR A 388 10.90 19.13 -25.00
CA THR A 388 12.15 19.18 -25.74
C THR A 388 12.04 20.14 -26.93
N GLN A 389 12.97 21.10 -27.01
CA GLN A 389 12.96 22.07 -28.08
C GLN A 389 13.98 21.77 -29.19
N LEU A 390 15.10 21.18 -28.82
CA LEU A 390 16.14 20.81 -29.77
C LEU A 390 16.67 19.41 -29.47
N THR A 391 17.05 18.68 -30.51
CA THR A 391 17.58 17.34 -30.30
C THR A 391 18.45 16.96 -31.48
N CYS A 392 19.39 16.04 -31.26
CA CYS A 392 20.26 15.58 -32.32
C CYS A 392 20.75 14.18 -31.98
N GLU A 393 21.14 13.42 -33.00
CA GLU A 393 21.61 12.06 -32.78
C GLU A 393 22.89 11.75 -33.52
N PHE A 394 23.65 10.79 -32.99
CA PHE A 394 24.91 10.37 -33.57
C PHE A 394 24.96 8.85 -33.61
N GLY A 395 25.43 8.29 -34.71
CA GLY A 395 25.52 6.85 -34.84
C GLY A 395 24.19 6.23 -35.23
N LYS A 396 23.98 4.98 -34.86
CA LYS A 396 22.75 4.28 -35.17
C LYS A 396 22.32 3.39 -34.02
N ARG A 397 21.04 3.44 -33.67
CA ARG A 397 20.51 2.63 -32.58
C ARG A 397 20.85 1.16 -32.79
N PRO A 398 21.42 0.51 -31.77
CA PRO A 398 21.76 -0.91 -31.88
C PRO A 398 20.51 -1.75 -32.11
N SER B 4 -13.95 29.59 7.43
CA SER B 4 -15.18 28.77 7.26
C SER B 4 -14.99 27.62 6.26
N ALA B 5 -15.69 26.52 6.51
CA ALA B 5 -15.60 25.34 5.64
C ALA B 5 -16.75 25.29 4.64
N ASN B 6 -17.67 26.23 4.72
CA ASN B 6 -18.82 26.26 3.80
C ASN B 6 -19.25 27.70 3.48
N SER B 7 -20.26 27.83 2.62
CA SER B 7 -20.78 29.14 2.24
C SER B 7 -22.26 29.03 1.86
N ASP B 8 -22.86 30.14 1.46
CA ASP B 8 -24.27 30.16 1.07
C ASP B 8 -24.49 29.40 -0.23
N ALA B 9 -23.43 29.27 -1.03
CA ALA B 9 -23.52 28.55 -2.30
C ALA B 9 -22.82 27.21 -2.15
N VAL B 10 -21.93 26.90 -3.09
CA VAL B 10 -21.17 25.66 -3.05
C VAL B 10 -19.81 25.95 -3.70
N THR B 11 -18.75 25.38 -3.14
CA THR B 11 -17.42 25.62 -3.68
C THR B 11 -16.66 24.33 -3.94
N TYR B 12 -15.85 24.34 -5.00
CA TYR B 12 -15.05 23.20 -5.38
C TYR B 12 -13.57 23.58 -5.42
N ALA B 13 -12.77 22.82 -4.71
CA ALA B 13 -11.32 23.06 -4.66
C ALA B 13 -10.66 22.72 -5.99
N LYS B 14 -9.34 22.81 -6.02
CA LYS B 14 -8.56 22.49 -7.20
C LYS B 14 -7.39 21.60 -6.81
N ALA B 15 -7.35 20.40 -7.38
CA ALA B 15 -6.28 19.45 -7.09
C ALA B 15 -4.95 19.87 -7.70
N ALA B 16 -3.88 19.79 -6.91
CA ALA B 16 -2.55 20.14 -7.37
C ALA B 16 -1.97 18.93 -8.11
N ASN B 17 -1.76 17.84 -7.38
CA ASN B 17 -1.24 16.60 -7.96
C ASN B 17 -2.25 16.14 -9.00
N THR B 18 -1.77 15.58 -10.11
CA THR B 18 -2.68 15.12 -11.14
C THR B 18 -2.45 13.68 -11.54
N ARG B 19 -1.47 13.02 -10.92
CA ARG B 19 -1.20 11.62 -11.25
C ARG B 19 -2.29 10.76 -10.62
N THR B 20 -2.72 9.73 -11.35
CA THR B 20 -3.77 8.84 -10.86
C THR B 20 -3.24 7.45 -10.55
N ALA B 21 -3.95 6.73 -9.69
CA ALA B 21 -3.56 5.37 -9.33
C ALA B 21 -3.60 4.50 -10.59
N ALA B 22 -4.50 4.83 -11.50
CA ALA B 22 -4.64 4.07 -12.74
C ALA B 22 -3.36 4.11 -13.58
N GLU B 23 -2.82 5.30 -13.79
CA GLU B 23 -1.62 5.45 -14.61
C GLU B 23 -0.31 5.07 -13.93
N THR B 24 -0.26 5.10 -12.61
CA THR B 24 0.98 4.80 -11.90
C THR B 24 1.13 3.38 -11.36
N GLY B 25 0.02 2.66 -11.24
CA GLY B 25 0.08 1.30 -10.72
C GLY B 25 0.99 0.32 -11.44
N ASP B 26 1.45 -0.70 -10.70
CA ASP B 26 2.31 -1.73 -11.24
C ASP B 26 1.54 -2.52 -12.31
N ARG B 27 2.26 -3.35 -13.06
CA ARG B 27 1.64 -4.14 -14.12
C ARG B 27 2.26 -5.52 -14.23
N ILE B 28 1.44 -6.54 -14.48
CA ILE B 28 1.95 -7.89 -14.63
C ILE B 28 2.57 -7.97 -16.03
N GLU B 29 3.76 -8.56 -16.13
CA GLU B 29 4.40 -8.67 -17.44
C GLU B 29 4.85 -10.08 -17.79
N TRP B 30 4.80 -10.99 -16.82
CA TRP B 30 5.24 -12.36 -17.06
C TRP B 30 4.57 -13.35 -16.11
N VAL B 31 4.21 -14.51 -16.64
CA VAL B 31 3.58 -15.57 -15.85
C VAL B 31 4.09 -16.93 -16.29
N LYS B 32 4.39 -17.79 -15.32
CA LYS B 32 4.85 -19.14 -15.62
C LYS B 32 4.02 -20.17 -14.84
N LEU B 33 3.43 -21.11 -15.57
CA LEU B 33 2.62 -22.15 -14.94
C LEU B 33 3.36 -23.47 -15.05
N SER B 34 3.27 -24.29 -14.01
CA SER B 34 3.92 -25.58 -14.00
C SER B 34 3.00 -26.68 -13.47
N LEU B 35 3.13 -27.87 -14.04
CA LEU B 35 2.38 -29.02 -13.59
C LEU B 35 3.43 -30.02 -13.15
N ALA B 36 3.47 -30.29 -11.84
CA ALA B 36 4.44 -31.22 -11.31
C ALA B 36 3.73 -32.34 -10.57
N PHE B 37 4.44 -33.44 -10.36
CA PHE B 37 3.89 -34.56 -9.64
C PHE B 37 4.78 -34.98 -8.48
N LEU B 38 4.19 -34.92 -7.29
CA LEU B 38 4.86 -35.27 -6.06
C LEU B 38 4.62 -36.75 -5.81
N PRO B 39 5.67 -37.57 -5.88
CA PRO B 39 5.53 -39.01 -5.66
C PRO B 39 5.46 -39.45 -4.20
N LEU B 40 4.63 -40.45 -3.94
CA LEU B 40 4.48 -41.03 -2.60
C LEU B 40 4.87 -42.50 -2.71
N ALA B 41 6.09 -42.82 -2.30
CA ALA B 41 6.61 -44.19 -2.37
C ALA B 41 5.77 -45.17 -1.55
N THR B 42 5.05 -44.65 -0.56
CA THR B 42 4.19 -45.50 0.26
C THR B 42 2.74 -45.14 -0.06
N PRO B 43 2.04 -45.99 -0.84
CA PRO B 43 0.64 -45.76 -1.22
C PRO B 43 -0.20 -45.39 0.00
N VAL B 44 -0.96 -44.31 -0.14
CA VAL B 44 -1.81 -43.82 0.94
C VAL B 44 -3.28 -44.12 0.70
N SER B 45 -3.94 -44.65 1.72
CA SER B 45 -5.35 -44.97 1.61
C SER B 45 -6.12 -44.71 2.90
N ASP B 46 -7.24 -44.00 2.78
CA ASP B 46 -8.11 -43.71 3.91
C ASP B 46 -9.34 -44.60 3.74
N ALA B 47 -10.43 -44.27 4.43
CA ALA B 47 -11.64 -45.08 4.32
C ALA B 47 -12.22 -45.13 2.90
N LYS B 48 -11.93 -44.13 2.08
CA LYS B 48 -12.44 -44.10 0.71
C LYS B 48 -11.90 -45.28 -0.10
N VAL B 49 -10.71 -45.74 0.27
CA VAL B 49 -10.08 -46.86 -0.42
C VAL B 49 -10.56 -48.19 0.18
N LEU B 50 -10.63 -48.27 1.51
CA LEU B 50 -11.07 -49.49 2.18
C LEU B 50 -12.54 -49.85 1.92
N THR B 51 -13.33 -48.90 1.45
CA THR B 51 -14.73 -49.16 1.15
C THR B 51 -14.90 -49.42 -0.34
N GLY B 52 -13.79 -49.30 -1.08
CA GLY B 52 -13.80 -49.55 -2.51
C GLY B 52 -14.14 -48.39 -3.42
N ARG B 53 -14.30 -47.19 -2.87
CA ARG B 53 -14.62 -46.00 -3.67
C ARG B 53 -13.45 -45.54 -4.53
N GLN B 54 -12.24 -45.67 -4.00
CA GLN B 54 -11.04 -45.23 -4.71
C GLN B 54 -9.88 -46.19 -4.56
N LYS B 55 -8.83 -45.93 -5.33
CA LYS B 55 -7.60 -46.70 -5.32
C LYS B 55 -6.62 -45.93 -4.44
N PRO B 56 -5.62 -46.62 -3.86
CA PRO B 56 -4.66 -45.93 -3.01
C PRO B 56 -4.00 -44.76 -3.75
N LEU B 57 -3.65 -43.72 -3.00
CA LEU B 57 -3.01 -42.52 -3.55
C LEU B 57 -1.52 -42.80 -3.70
N THR B 58 -0.95 -42.44 -4.84
CA THR B 58 0.47 -42.68 -5.08
C THR B 58 1.26 -41.45 -5.50
N GLU B 59 0.57 -40.33 -5.69
CA GLU B 59 1.23 -39.09 -6.08
C GLU B 59 0.26 -37.93 -5.92
N VAL B 60 0.80 -36.72 -5.94
CA VAL B 60 -0.03 -35.52 -5.82
C VAL B 60 0.32 -34.56 -6.94
N ALA B 61 -0.69 -34.15 -7.69
CA ALA B 61 -0.48 -33.20 -8.77
C ALA B 61 -0.36 -31.83 -8.13
N ILE B 62 0.59 -31.03 -8.61
CA ILE B 62 0.79 -29.68 -8.08
C ILE B 62 0.84 -28.70 -9.23
N ILE B 63 -0.07 -27.73 -9.24
CA ILE B 63 -0.06 -26.73 -10.30
C ILE B 63 0.48 -25.45 -9.69
N ILE B 64 1.59 -24.97 -10.22
CA ILE B 64 2.26 -23.78 -9.70
C ILE B 64 2.14 -22.59 -10.63
N ALA B 65 1.99 -21.41 -10.05
CA ALA B 65 1.93 -20.18 -10.82
C ALA B 65 2.99 -19.23 -10.28
N GLU B 66 3.72 -18.60 -11.19
CA GLU B 66 4.75 -17.63 -10.83
C GLU B 66 4.44 -16.40 -11.65
N ILE B 67 4.33 -15.26 -10.97
CA ILE B 67 3.99 -14.00 -11.60
C ILE B 67 5.03 -12.93 -11.28
N ARG B 68 5.45 -12.17 -12.29
CA ARG B 68 6.43 -11.11 -12.10
C ARG B 68 5.88 -9.81 -12.65
N SER B 69 6.05 -8.72 -11.90
CA SER B 69 5.53 -7.42 -12.31
C SER B 69 6.60 -6.51 -12.91
N ARG B 70 6.14 -5.49 -13.62
CA ARG B 70 7.01 -4.51 -14.24
C ARG B 70 7.95 -3.88 -13.22
N ASP B 71 7.41 -3.54 -12.04
CA ASP B 71 8.22 -2.90 -11.02
C ASP B 71 9.09 -3.82 -10.16
N GLY B 72 9.33 -5.03 -10.65
CA GLY B 72 10.21 -5.95 -9.95
C GLY B 72 9.67 -6.85 -8.86
N PHE B 73 8.36 -6.92 -8.70
CA PHE B 73 7.79 -7.79 -7.68
C PHE B 73 7.58 -9.20 -8.21
N GLU B 74 7.56 -10.15 -7.31
CA GLU B 74 7.40 -11.54 -7.69
C GLU B 74 6.42 -12.25 -6.74
N GLY B 75 5.64 -13.17 -7.29
CA GLY B 75 4.69 -13.90 -6.47
C GLY B 75 4.60 -15.35 -6.90
N VAL B 76 4.37 -16.24 -5.95
CA VAL B 76 4.24 -17.66 -6.26
C VAL B 76 3.07 -18.25 -5.48
N GLY B 77 2.36 -19.19 -6.12
CA GLY B 77 1.23 -19.83 -5.48
C GLY B 77 0.97 -21.17 -6.14
N PHE B 78 0.11 -22.00 -5.55
CA PHE B 78 -0.16 -23.30 -6.14
C PHE B 78 -1.50 -23.89 -5.72
N SER B 79 -1.93 -24.90 -6.49
CA SER B 79 -3.14 -25.64 -6.19
C SER B 79 -2.71 -27.09 -6.38
N TYR B 80 -3.60 -28.03 -6.13
CA TYR B 80 -3.20 -29.43 -6.26
C TYR B 80 -4.40 -30.30 -6.58
N SER B 81 -4.12 -31.57 -6.83
CA SER B 81 -5.18 -32.53 -7.08
C SER B 81 -4.68 -33.89 -6.61
N LYS B 82 -5.50 -34.57 -5.82
CA LYS B 82 -5.16 -35.90 -5.36
C LYS B 82 -6.05 -36.81 -6.19
N ARG B 83 -5.43 -37.47 -7.16
CA ARG B 83 -6.07 -38.35 -8.12
C ARG B 83 -6.45 -37.47 -9.31
N ALA B 84 -7.30 -37.96 -10.21
CA ALA B 84 -7.66 -37.18 -11.39
C ALA B 84 -8.11 -35.75 -11.10
N GLY B 85 -7.63 -34.83 -11.93
CA GLY B 85 -7.98 -33.43 -11.76
C GLY B 85 -6.84 -32.46 -12.07
N GLY B 86 -5.61 -32.90 -11.86
CA GLY B 86 -4.45 -32.05 -12.11
C GLY B 86 -4.22 -31.65 -13.56
N GLN B 87 -4.45 -32.57 -14.49
CA GLN B 87 -4.26 -32.27 -15.90
C GLN B 87 -5.25 -31.19 -16.34
N GLY B 88 -6.45 -31.23 -15.78
CA GLY B 88 -7.46 -30.25 -16.14
C GLY B 88 -7.21 -28.89 -15.52
N ILE B 89 -6.80 -28.89 -14.26
CA ILE B 89 -6.49 -27.63 -13.58
C ILE B 89 -5.39 -26.90 -14.36
N TYR B 90 -4.30 -27.60 -14.66
CA TYR B 90 -3.20 -27.00 -15.41
C TYR B 90 -3.63 -26.55 -16.81
N ALA B 91 -4.38 -27.40 -17.49
CA ALA B 91 -4.84 -27.07 -18.85
C ALA B 91 -5.67 -25.79 -18.90
N HIS B 92 -6.57 -25.62 -17.94
CA HIS B 92 -7.39 -24.41 -17.92
C HIS B 92 -6.57 -23.18 -17.52
N ALA B 93 -5.70 -23.35 -16.53
CA ALA B 93 -4.85 -22.24 -16.07
C ALA B 93 -4.06 -21.77 -17.30
N LYS B 94 -3.55 -22.71 -18.07
CA LYS B 94 -2.79 -22.39 -19.27
C LYS B 94 -3.62 -21.64 -20.30
N GLU B 95 -4.91 -21.97 -20.40
CA GLU B 95 -5.78 -21.35 -21.39
C GLU B 95 -6.29 -19.95 -21.01
N ILE B 96 -6.18 -19.57 -19.74
CA ILE B 96 -6.65 -18.26 -19.29
C ILE B 96 -5.55 -17.32 -18.76
N ALA B 97 -4.38 -17.88 -18.43
CA ALA B 97 -3.27 -17.08 -17.87
C ALA B 97 -2.89 -15.80 -18.62
N ASP B 98 -2.95 -15.85 -19.95
CA ASP B 98 -2.61 -14.69 -20.77
C ASP B 98 -3.37 -13.43 -20.38
N ASN B 99 -4.57 -13.61 -19.83
CA ASN B 99 -5.41 -12.49 -19.40
C ASN B 99 -4.76 -11.63 -18.30
N LEU B 100 -3.76 -12.18 -17.63
CA LEU B 100 -3.07 -11.48 -16.56
C LEU B 100 -2.14 -10.38 -17.06
N LEU B 101 -1.64 -10.51 -18.28
CA LEU B 101 -0.71 -9.50 -18.80
C LEU B 101 -1.34 -8.11 -18.90
N GLY B 102 -0.63 -7.12 -18.36
CA GLY B 102 -1.13 -5.75 -18.40
C GLY B 102 -2.07 -5.38 -17.28
N GLU B 103 -2.34 -6.31 -16.37
CA GLU B 103 -3.25 -6.05 -15.26
C GLU B 103 -2.51 -5.53 -14.02
N ASP B 104 -3.16 -4.64 -13.27
CA ASP B 104 -2.57 -4.12 -12.04
C ASP B 104 -2.72 -5.26 -11.05
N PRO B 105 -1.61 -5.89 -10.65
CA PRO B 105 -1.65 -7.03 -9.72
C PRO B 105 -2.32 -6.81 -8.38
N ASN B 106 -2.49 -5.55 -7.97
CA ASN B 106 -3.13 -5.29 -6.68
C ASN B 106 -4.64 -5.48 -6.67
N ASP B 107 -5.27 -5.35 -7.83
CA ASP B 107 -6.72 -5.50 -7.95
C ASP B 107 -7.05 -6.99 -8.13
N ILE B 108 -6.80 -7.73 -7.06
CA ILE B 108 -6.99 -9.18 -7.04
C ILE B 108 -8.39 -9.68 -7.40
N ASP B 109 -9.42 -9.10 -6.80
CA ASP B 109 -10.80 -9.52 -7.10
C ASP B 109 -11.15 -9.12 -8.52
N LYS B 110 -10.63 -7.98 -8.95
CA LYS B 110 -10.89 -7.48 -10.29
C LYS B 110 -10.33 -8.47 -11.32
N ILE B 111 -9.13 -8.98 -11.05
CA ILE B 111 -8.49 -9.95 -11.93
C ILE B 111 -9.24 -11.29 -11.87
N TYR B 112 -9.63 -11.69 -10.65
CA TYR B 112 -10.37 -12.94 -10.46
C TYR B 112 -11.60 -12.90 -11.36
N THR B 113 -12.36 -11.82 -11.28
CA THR B 113 -13.57 -11.65 -12.08
C THR B 113 -13.28 -11.73 -13.59
N LYS B 114 -12.16 -11.15 -14.01
CA LYS B 114 -11.80 -11.19 -15.43
C LYS B 114 -11.49 -12.63 -15.84
N LEU B 115 -10.87 -13.39 -14.95
CA LEU B 115 -10.53 -14.78 -15.22
C LEU B 115 -11.79 -15.63 -15.28
N LEU B 116 -12.79 -15.28 -14.47
CA LEU B 116 -14.05 -16.02 -14.46
C LEU B 116 -14.78 -15.76 -15.77
N TRP B 117 -14.78 -14.51 -16.24
CA TRP B 117 -15.44 -14.18 -17.49
C TRP B 117 -14.73 -14.83 -18.66
N ALA B 118 -13.41 -14.95 -18.57
CA ALA B 118 -12.62 -15.55 -19.63
C ALA B 118 -12.96 -17.03 -19.77
N GLY B 119 -13.48 -17.61 -18.69
CA GLY B 119 -13.86 -19.00 -18.73
C GLY B 119 -15.28 -19.13 -18.20
N ALA B 120 -16.14 -18.20 -18.58
CA ALA B 120 -17.52 -18.19 -18.10
C ALA B 120 -18.27 -19.50 -18.41
N SER B 121 -17.87 -20.17 -19.48
CA SER B 121 -18.54 -21.41 -19.88
C SER B 121 -18.34 -22.56 -18.90
N VAL B 122 -17.23 -22.54 -18.15
CA VAL B 122 -16.95 -23.62 -17.22
C VAL B 122 -17.23 -23.39 -15.72
N GLY B 123 -18.10 -22.42 -15.44
CA GLY B 123 -18.52 -22.17 -14.06
C GLY B 123 -17.75 -21.27 -13.11
N ARG B 124 -18.27 -21.22 -11.88
CA ARG B 124 -17.69 -20.42 -10.81
C ARG B 124 -17.40 -21.29 -9.59
N SER B 125 -17.27 -22.58 -9.81
CA SER B 125 -16.95 -23.53 -8.75
C SER B 125 -16.25 -24.70 -9.41
N GLY B 126 -15.62 -25.55 -8.61
CA GLY B 126 -14.96 -26.71 -9.16
C GLY B 126 -13.58 -26.50 -9.76
N MET B 127 -13.23 -27.39 -10.69
CA MET B 127 -11.92 -27.39 -11.32
C MET B 127 -11.47 -26.07 -11.92
N ALA B 128 -12.37 -25.30 -12.52
CA ALA B 128 -11.97 -24.04 -13.12
C ALA B 128 -11.49 -23.01 -12.08
N VAL B 129 -12.12 -22.94 -10.90
CA VAL B 129 -11.66 -21.97 -9.91
C VAL B 129 -10.38 -22.49 -9.26
N GLN B 130 -10.17 -23.80 -9.35
CA GLN B 130 -8.96 -24.39 -8.80
C GLN B 130 -7.79 -24.10 -9.72
N ALA B 131 -8.10 -23.65 -10.94
CA ALA B 131 -7.08 -23.29 -11.93
C ALA B 131 -6.73 -21.81 -11.69
N ILE B 132 -7.65 -21.09 -11.06
CA ILE B 132 -7.43 -19.68 -10.73
C ILE B 132 -6.63 -19.63 -9.41
N SER B 133 -6.88 -20.61 -8.54
CA SER B 133 -6.21 -20.70 -7.24
C SER B 133 -4.71 -20.37 -7.20
N PRO B 134 -3.91 -21.03 -8.06
CA PRO B 134 -2.46 -20.76 -8.06
C PRO B 134 -2.19 -19.27 -8.32
N ILE B 135 -2.92 -18.71 -9.26
CA ILE B 135 -2.77 -17.31 -9.63
C ILE B 135 -3.21 -16.37 -8.51
N ASP B 136 -4.40 -16.63 -7.95
CA ASP B 136 -4.92 -15.80 -6.87
C ASP B 136 -3.96 -15.82 -5.69
N ILE B 137 -3.47 -17.00 -5.34
CA ILE B 137 -2.54 -17.17 -4.23
C ILE B 137 -1.22 -16.44 -4.51
N ALA B 138 -0.74 -16.52 -5.75
CA ALA B 138 0.50 -15.85 -6.12
C ALA B 138 0.33 -14.33 -6.00
N LEU B 139 -0.85 -13.83 -6.35
CA LEU B 139 -1.11 -12.41 -6.26
C LEU B 139 -1.11 -11.96 -4.79
N TRP B 140 -1.63 -12.79 -3.90
CA TRP B 140 -1.63 -12.43 -2.47
C TRP B 140 -0.19 -12.49 -1.93
N ASP B 141 0.58 -13.45 -2.41
CA ASP B 141 1.98 -13.62 -2.02
C ASP B 141 2.73 -12.35 -2.42
N MET B 142 2.47 -11.88 -3.63
CA MET B 142 3.11 -10.68 -4.16
C MET B 142 2.73 -9.44 -3.35
N LYS B 143 1.44 -9.26 -3.08
CA LYS B 143 1.00 -8.10 -2.32
C LYS B 143 1.63 -8.03 -0.93
N ALA B 144 1.75 -9.18 -0.27
CA ALA B 144 2.34 -9.24 1.06
C ALA B 144 3.81 -8.83 0.97
N LYS B 145 4.52 -9.40 0.00
CA LYS B 145 5.93 -9.09 -0.21
C LYS B 145 6.10 -7.61 -0.51
N ARG B 146 5.15 -7.04 -1.26
CA ARG B 146 5.21 -5.63 -1.60
C ARG B 146 5.12 -4.78 -0.31
N ALA B 147 4.43 -5.30 0.70
CA ALA B 147 4.29 -4.60 1.97
C ALA B 147 5.44 -4.99 2.92
N GLY B 148 6.27 -5.93 2.46
CA GLY B 148 7.39 -6.39 3.27
C GLY B 148 6.89 -7.11 4.50
N LEU B 149 5.87 -7.95 4.33
CA LEU B 149 5.29 -8.67 5.45
C LEU B 149 4.93 -10.11 5.14
N PRO B 150 4.92 -10.97 6.17
CA PRO B 150 4.55 -12.36 5.95
C PRO B 150 3.06 -12.19 5.58
N LEU B 151 2.47 -13.13 4.84
CA LEU B 151 1.08 -12.99 4.45
C LEU B 151 0.13 -12.78 5.63
N ALA B 152 0.32 -13.55 6.69
CA ALA B 152 -0.53 -13.44 7.88
C ALA B 152 -0.59 -12.01 8.41
N LYS B 153 0.52 -11.28 8.31
CA LYS B 153 0.58 -9.91 8.79
C LYS B 153 -0.12 -8.96 7.84
N LEU B 154 -0.05 -9.24 6.54
CA LEU B 154 -0.74 -8.40 5.56
C LEU B 154 -2.24 -8.52 5.84
N LEU B 155 -2.68 -9.75 6.11
CA LEU B 155 -4.08 -10.03 6.41
C LEU B 155 -4.45 -9.51 7.79
N GLY B 156 -3.47 -9.55 8.69
CA GLY B 156 -3.69 -9.10 10.06
C GLY B 156 -3.84 -10.38 10.87
N ALA B 157 -2.93 -10.60 11.80
CA ALA B 157 -2.96 -11.81 12.60
C ALA B 157 -3.54 -11.65 13.99
N HIS B 158 -4.04 -12.75 14.52
CA HIS B 158 -4.62 -12.82 15.86
C HIS B 158 -3.68 -13.69 16.70
N ARG B 159 -2.72 -14.32 16.03
CA ARG B 159 -1.74 -15.17 16.72
C ARG B 159 -0.47 -15.30 15.89
N ASP B 160 0.64 -15.60 16.56
CA ASP B 160 1.95 -15.73 15.91
C ASP B 160 2.29 -17.18 15.58
N SER B 161 1.47 -18.11 16.06
CA SER B 161 1.67 -19.53 15.81
C SER B 161 0.30 -20.21 15.87
N VAL B 162 0.18 -21.41 15.32
CA VAL B 162 -1.09 -22.12 15.32
C VAL B 162 -0.97 -23.56 15.80
N GLN B 163 -1.93 -24.00 16.63
CA GLN B 163 -1.95 -25.36 17.15
C GLN B 163 -1.88 -26.27 15.92
N CYS B 164 -1.08 -27.32 15.98
CA CYS B 164 -0.92 -28.22 14.85
C CYS B 164 -1.08 -29.69 15.22
N TYR B 165 -1.79 -30.45 14.38
CA TYR B 165 -1.99 -31.88 14.60
C TYR B 165 -1.46 -32.62 13.37
N ASN B 166 -1.07 -33.87 13.53
CA ASN B 166 -0.57 -34.64 12.39
C ASN B 166 -1.60 -35.61 11.86
N THR B 167 -1.61 -35.78 10.54
CA THR B 167 -2.53 -36.68 9.84
C THR B 167 -1.77 -37.81 9.14
N SER B 168 -0.60 -37.48 8.60
CA SER B 168 0.25 -38.42 7.89
C SER B 168 0.44 -39.77 8.56
N GLY B 169 0.63 -39.77 9.87
CA GLY B 169 0.86 -41.03 10.58
C GLY B 169 -0.36 -41.75 11.11
N GLY B 170 -1.55 -41.38 10.65
CA GLY B 170 -2.75 -42.04 11.15
C GLY B 170 -3.65 -42.63 10.08
N PHE B 171 -3.08 -42.97 8.92
CA PHE B 171 -3.85 -43.54 7.81
C PHE B 171 -4.19 -45.02 7.98
N LEU B 172 -5.21 -45.47 7.25
CA LEU B 172 -5.70 -46.84 7.31
C LEU B 172 -4.86 -47.97 6.70
N HIS B 173 -3.83 -47.63 5.94
CA HIS B 173 -2.98 -48.66 5.35
C HIS B 173 -1.83 -48.94 6.32
N THR B 174 -1.81 -48.22 7.43
CA THR B 174 -0.78 -48.35 8.44
C THR B 174 -1.21 -49.25 9.59
N PRO B 175 -0.45 -50.34 9.83
CA PRO B 175 -0.80 -51.27 10.92
C PRO B 175 -0.81 -50.52 12.25
N LEU B 176 -1.59 -51.01 13.21
CA LEU B 176 -1.70 -50.37 14.51
C LEU B 176 -0.37 -50.06 15.20
N ASP B 177 0.53 -51.04 15.27
CA ASP B 177 1.81 -50.82 15.93
C ASP B 177 2.61 -49.69 15.30
N GLN B 178 2.48 -49.52 13.99
CA GLN B 178 3.22 -48.46 13.29
C GLN B 178 2.55 -47.11 13.56
N VAL B 179 1.22 -47.11 13.70
CA VAL B 179 0.50 -45.86 13.99
C VAL B 179 0.97 -45.37 15.35
N LEU B 180 1.17 -46.31 16.27
CA LEU B 180 1.63 -45.97 17.62
C LEU B 180 3.06 -45.47 17.62
N LYS B 181 3.87 -45.98 16.69
CA LYS B 181 5.26 -45.54 16.58
C LYS B 181 5.30 -44.13 16.00
N ASN B 182 4.37 -43.82 15.11
CA ASN B 182 4.33 -42.49 14.51
C ASN B 182 3.89 -41.47 15.56
N VAL B 183 2.99 -41.88 16.45
CA VAL B 183 2.51 -41.02 17.52
C VAL B 183 3.70 -40.57 18.37
N VAL B 184 4.58 -41.53 18.67
CA VAL B 184 5.77 -41.26 19.46
C VAL B 184 6.68 -40.28 18.71
N ILE B 185 6.93 -40.58 17.44
CA ILE B 185 7.78 -39.72 16.61
C ILE B 185 7.21 -38.30 16.54
N SER B 186 5.91 -38.22 16.27
CA SER B 186 5.22 -36.95 16.16
C SER B 186 5.25 -36.15 17.46
N ARG B 187 4.90 -36.80 18.55
CA ARG B 187 4.90 -36.14 19.84
C ARG B 187 6.31 -35.71 20.22
N GLU B 188 7.30 -36.50 19.80
CA GLU B 188 8.69 -36.20 20.08
C GLU B 188 9.15 -34.98 19.30
N ASN B 189 8.53 -34.76 18.14
CA ASN B 189 8.88 -33.62 17.31
C ASN B 189 8.07 -32.37 17.64
N GLY B 190 7.30 -32.44 18.72
CA GLY B 190 6.52 -31.29 19.15
C GLY B 190 5.11 -31.14 18.59
N ILE B 191 4.51 -32.21 18.11
CA ILE B 191 3.16 -32.13 17.56
C ILE B 191 2.15 -31.79 18.65
N GLY B 192 1.10 -31.07 18.28
CA GLY B 192 0.08 -30.68 19.25
C GLY B 192 -1.19 -31.50 19.22
N GLY B 193 -1.29 -32.44 18.28
CA GLY B 193 -2.48 -33.26 18.19
C GLY B 193 -2.32 -34.40 17.21
N ILE B 194 -3.19 -35.40 17.32
CA ILE B 194 -3.14 -36.57 16.45
C ILE B 194 -4.51 -36.90 15.88
N LYS B 195 -4.59 -37.08 14.56
CA LYS B 195 -5.87 -37.44 13.96
C LYS B 195 -5.76 -38.85 13.41
N LEU B 196 -6.74 -39.67 13.70
CA LEU B 196 -6.76 -41.06 13.24
C LEU B 196 -7.84 -41.24 12.18
N LYS B 197 -7.48 -41.93 11.10
CA LYS B 197 -8.43 -42.18 10.04
C LYS B 197 -9.32 -43.34 10.48
N VAL B 198 -10.63 -43.16 10.37
CA VAL B 198 -11.58 -44.21 10.73
C VAL B 198 -12.56 -44.34 9.56
N GLY B 199 -13.64 -45.09 9.75
CA GLY B 199 -14.62 -45.24 8.68
C GLY B 199 -14.49 -46.47 7.80
N GLN B 200 -13.62 -47.41 8.17
CA GLN B 200 -13.45 -48.63 7.38
C GLN B 200 -14.67 -49.54 7.60
N PRO B 201 -14.89 -50.50 6.70
CA PRO B 201 -16.04 -51.41 6.85
C PRO B 201 -16.12 -52.01 8.25
N ASN B 202 -14.98 -52.43 8.78
CA ASN B 202 -14.91 -53.05 10.10
C ASN B 202 -14.94 -51.97 11.19
N CYS B 203 -16.13 -51.66 11.70
CA CYS B 203 -16.26 -50.65 12.74
C CYS B 203 -15.56 -51.07 14.02
N ALA B 204 -15.44 -52.38 14.22
CA ALA B 204 -14.80 -52.92 15.41
C ALA B 204 -13.29 -52.63 15.42
N GLU B 205 -12.67 -52.70 14.25
CA GLU B 205 -11.24 -52.46 14.13
C GLU B 205 -10.89 -50.98 14.31
N ASP B 206 -11.85 -50.09 14.03
CA ASP B 206 -11.63 -48.66 14.18
C ASP B 206 -11.67 -48.28 15.65
N ILE B 207 -12.61 -48.87 16.38
CA ILE B 207 -12.74 -48.60 17.80
C ILE B 207 -11.49 -49.13 18.48
N ARG B 208 -11.03 -50.30 18.03
CA ARG B 208 -9.84 -50.94 18.57
C ARG B 208 -8.62 -50.03 18.42
N ARG B 209 -8.39 -49.55 17.20
CA ARG B 209 -7.26 -48.67 16.94
C ARG B 209 -7.39 -47.37 17.73
N LEU B 210 -8.60 -46.80 17.75
CA LEU B 210 -8.83 -45.55 18.46
C LEU B 210 -8.59 -45.70 19.96
N THR B 211 -8.99 -46.83 20.53
CA THR B 211 -8.79 -47.07 21.95
C THR B 211 -7.31 -47.22 22.28
N ALA B 212 -6.58 -47.88 21.38
CA ALA B 212 -5.15 -48.08 21.57
C ALA B 212 -4.40 -46.74 21.49
N VAL B 213 -4.85 -45.85 20.61
CA VAL B 213 -4.22 -44.55 20.44
C VAL B 213 -4.49 -43.61 21.62
N ARG B 214 -5.74 -43.59 22.10
CA ARG B 214 -6.07 -42.74 23.25
C ARG B 214 -5.29 -43.24 24.47
N GLU B 215 -5.21 -44.57 24.58
CA GLU B 215 -4.51 -45.19 25.70
C GLU B 215 -3.05 -44.74 25.73
N ALA B 216 -2.40 -44.76 24.57
CA ALA B 216 -1.01 -44.36 24.46
C ALA B 216 -0.78 -42.87 24.66
N LEU B 217 -1.73 -42.05 24.20
CA LEU B 217 -1.61 -40.60 24.30
C LEU B 217 -1.92 -40.05 25.69
N GLY B 218 -2.79 -40.72 26.42
CA GLY B 218 -3.17 -40.23 27.73
C GLY B 218 -4.49 -39.51 27.54
N ASP B 219 -5.16 -39.22 28.65
CA ASP B 219 -6.47 -38.57 28.60
C ASP B 219 -6.54 -37.11 28.15
N GLU B 220 -5.43 -36.40 28.14
CA GLU B 220 -5.44 -34.99 27.77
C GLU B 220 -5.02 -34.59 26.36
N PHE B 221 -4.06 -35.32 25.78
CA PHE B 221 -3.58 -34.98 24.44
C PHE B 221 -4.69 -34.88 23.40
N PRO B 222 -4.71 -33.80 22.61
CA PRO B 222 -5.74 -33.62 21.58
C PRO B 222 -5.78 -34.77 20.58
N LEU B 223 -6.93 -35.42 20.50
CA LEU B 223 -7.13 -36.54 19.57
C LEU B 223 -8.39 -36.29 18.74
N MET B 224 -8.32 -36.59 17.45
CA MET B 224 -9.45 -36.39 16.56
C MET B 224 -9.53 -37.53 15.56
N VAL B 225 -10.69 -37.70 14.93
CA VAL B 225 -10.84 -38.76 13.93
C VAL B 225 -11.46 -38.22 12.65
N ASP B 226 -11.27 -38.97 11.57
CA ASP B 226 -11.75 -38.58 10.24
C ASP B 226 -12.29 -39.82 9.49
N ALA B 227 -13.58 -39.82 9.16
CA ALA B 227 -14.20 -40.95 8.46
C ALA B 227 -14.20 -40.79 6.95
N ASN B 228 -13.80 -39.62 6.46
CA ASN B 228 -13.77 -39.35 5.03
C ASN B 228 -15.06 -39.76 4.30
N GLN B 229 -16.20 -39.36 4.88
CA GLN B 229 -17.54 -39.61 4.29
C GLN B 229 -18.00 -41.06 4.21
N GLN B 230 -17.28 -41.99 4.83
CA GLN B 230 -17.66 -43.39 4.68
C GLN B 230 -18.72 -44.04 5.56
N TRP B 231 -19.38 -43.29 6.42
CA TRP B 231 -20.45 -43.88 7.23
C TRP B 231 -21.79 -43.39 6.70
N ASP B 232 -22.84 -44.17 6.94
CA ASP B 232 -24.17 -43.73 6.55
C ASP B 232 -24.69 -43.11 7.84
N ARG B 233 -25.81 -42.40 7.79
CA ARG B 233 -26.34 -41.75 8.97
C ARG B 233 -26.52 -42.66 10.18
N GLU B 234 -26.94 -43.91 9.95
CA GLU B 234 -27.16 -44.86 11.04
C GLU B 234 -25.86 -45.17 11.77
N THR B 235 -24.82 -45.47 11.00
CA THR B 235 -23.52 -45.80 11.58
C THR B 235 -22.88 -44.59 12.23
N ALA B 236 -23.00 -43.43 11.58
CA ALA B 236 -22.41 -42.20 12.10
C ALA B 236 -22.87 -41.88 13.53
N ILE B 237 -24.17 -41.96 13.78
CA ILE B 237 -24.67 -41.65 15.12
C ILE B 237 -24.26 -42.71 16.14
N ARG B 238 -24.29 -43.98 15.74
CA ARG B 238 -23.90 -45.07 16.62
C ARG B 238 -22.42 -44.97 16.98
N MET B 239 -21.57 -44.72 15.99
CA MET B 239 -20.15 -44.57 16.26
C MET B 239 -19.93 -43.30 17.08
N GLY B 240 -20.74 -42.27 16.82
CA GLY B 240 -20.61 -41.02 17.53
C GLY B 240 -20.90 -41.16 19.01
N ARG B 241 -21.90 -41.95 19.35
CA ARG B 241 -22.27 -42.16 20.74
C ARG B 241 -21.14 -42.91 21.44
N LYS B 242 -20.62 -43.93 20.76
CA LYS B 242 -19.55 -44.77 21.27
C LYS B 242 -18.22 -44.03 21.44
N MET B 243 -18.01 -43.00 20.62
CA MET B 243 -16.76 -42.24 20.68
C MET B 243 -16.78 -41.06 21.65
N GLU B 244 -17.94 -40.75 22.21
CA GLU B 244 -18.04 -39.62 23.14
C GLU B 244 -17.13 -39.77 24.36
N GLN B 245 -16.74 -41.01 24.65
CA GLN B 245 -15.89 -41.30 25.79
C GLN B 245 -14.42 -40.91 25.57
N PHE B 246 -14.01 -40.83 24.32
CA PHE B 246 -12.63 -40.48 24.00
C PHE B 246 -12.34 -38.98 24.07
N ASN B 247 -13.37 -38.18 24.31
CA ASN B 247 -13.23 -36.72 24.42
C ASN B 247 -12.50 -36.11 23.23
N LEU B 248 -12.81 -36.61 22.04
CA LEU B 248 -12.18 -36.13 20.81
C LEU B 248 -12.37 -34.64 20.57
N ILE B 249 -11.40 -34.04 19.88
CA ILE B 249 -11.49 -32.62 19.55
C ILE B 249 -12.61 -32.47 18.52
N TRP B 250 -12.73 -33.47 17.64
CA TRP B 250 -13.79 -33.45 16.63
C TRP B 250 -13.90 -34.77 15.86
N ILE B 251 -15.02 -34.94 15.16
CA ILE B 251 -15.27 -36.11 14.32
C ILE B 251 -15.42 -35.49 12.94
N GLU B 252 -14.48 -35.76 12.05
CA GLU B 252 -14.47 -35.18 10.73
C GLU B 252 -15.13 -36.02 9.65
N GLU B 253 -15.80 -35.35 8.72
CA GLU B 253 -16.47 -36.02 7.61
C GLU B 253 -17.11 -37.36 7.94
N PRO B 254 -18.08 -37.37 8.86
CA PRO B 254 -18.71 -38.66 9.18
C PRO B 254 -19.61 -39.13 8.04
N LEU B 255 -20.09 -38.20 7.23
CA LEU B 255 -20.99 -38.52 6.11
C LEU B 255 -20.55 -37.88 4.79
N ASP B 256 -21.35 -38.11 3.75
CA ASP B 256 -21.08 -37.53 2.44
C ASP B 256 -20.92 -36.03 2.62
N ALA B 257 -19.93 -35.45 1.95
CA ALA B 257 -19.64 -34.03 2.04
C ALA B 257 -20.83 -33.11 1.74
N TYR B 258 -21.81 -33.61 1.00
CA TYR B 258 -22.98 -32.80 0.67
C TYR B 258 -24.24 -33.12 1.47
N ASP B 259 -24.11 -34.02 2.43
CA ASP B 259 -25.25 -34.36 3.27
C ASP B 259 -25.33 -33.33 4.39
N ILE B 260 -25.90 -32.17 4.09
CA ILE B 260 -26.02 -31.08 5.05
C ILE B 260 -26.88 -31.40 6.27
N GLU B 261 -28.12 -31.83 6.06
CA GLU B 261 -29.00 -32.15 7.18
C GLU B 261 -28.42 -33.30 8.02
N GLY B 262 -27.72 -34.22 7.36
CA GLY B 262 -27.14 -35.34 8.08
C GLY B 262 -26.08 -34.89 9.07
N HIS B 263 -25.21 -34.01 8.61
CA HIS B 263 -24.14 -33.48 9.47
C HIS B 263 -24.77 -32.65 10.58
N ALA B 264 -25.68 -31.74 10.20
CA ALA B 264 -26.35 -30.86 11.16
C ALA B 264 -27.01 -31.68 12.26
N GLN B 265 -27.61 -32.81 11.88
CA GLN B 265 -28.28 -33.69 12.81
C GLN B 265 -27.29 -34.31 13.80
N LEU B 266 -26.12 -34.70 13.31
CA LEU B 266 -25.08 -35.29 14.16
C LEU B 266 -24.49 -34.23 15.10
N ALA B 267 -24.29 -33.03 14.57
CA ALA B 267 -23.74 -31.93 15.34
C ALA B 267 -24.65 -31.52 16.48
N ALA B 268 -25.96 -31.53 16.23
CA ALA B 268 -26.92 -31.17 17.26
C ALA B 268 -27.10 -32.28 18.28
N ALA B 269 -26.98 -33.52 17.83
CA ALA B 269 -27.16 -34.68 18.71
C ALA B 269 -25.96 -35.02 19.58
N LEU B 270 -24.76 -34.70 19.10
CA LEU B 270 -23.55 -35.01 19.86
C LEU B 270 -22.92 -33.79 20.51
N ASP B 271 -22.22 -34.05 21.62
CA ASP B 271 -21.51 -33.00 22.34
C ASP B 271 -20.16 -32.82 21.66
N THR B 272 -19.63 -33.92 21.13
CA THR B 272 -18.35 -33.88 20.42
C THR B 272 -18.55 -33.03 19.18
N PRO B 273 -17.58 -32.15 18.88
CA PRO B 273 -17.68 -31.31 17.70
C PRO B 273 -17.65 -32.11 16.40
N ILE B 274 -18.36 -31.62 15.40
CA ILE B 274 -18.39 -32.27 14.08
C ILE B 274 -17.63 -31.35 13.15
N ALA B 275 -16.80 -31.93 12.28
CA ALA B 275 -16.02 -31.14 11.33
C ALA B 275 -16.21 -31.64 9.90
N THR B 276 -16.17 -30.73 8.94
CA THR B 276 -16.31 -31.10 7.54
C THR B 276 -16.03 -29.93 6.60
N GLY B 277 -15.89 -30.25 5.31
CA GLY B 277 -15.66 -29.21 4.32
C GLY B 277 -14.48 -29.33 3.37
N GLU B 278 -13.54 -30.22 3.65
CA GLU B 278 -12.36 -30.35 2.79
C GLU B 278 -12.65 -30.59 1.30
N MET B 279 -13.72 -31.32 1.01
CA MET B 279 -14.05 -31.64 -0.39
C MET B 279 -14.81 -30.56 -1.16
N LEU B 280 -15.34 -29.56 -0.45
CA LEU B 280 -16.08 -28.48 -1.12
C LEU B 280 -15.17 -27.66 -2.01
N THR B 281 -15.71 -27.16 -3.11
CA THR B 281 -14.93 -26.41 -4.08
C THR B 281 -15.41 -25.02 -4.44
N SER B 282 -15.91 -24.28 -3.47
CA SER B 282 -16.35 -22.91 -3.72
C SER B 282 -16.92 -22.31 -2.46
N PHE B 283 -16.99 -20.98 -2.43
CA PHE B 283 -17.57 -20.28 -1.29
C PHE B 283 -19.03 -20.72 -1.19
N ARG B 284 -19.74 -20.68 -2.32
CA ARG B 284 -21.15 -21.05 -2.32
C ARG B 284 -21.46 -22.40 -1.71
N GLU B 285 -20.61 -23.40 -1.95
CA GLU B 285 -20.82 -24.72 -1.38
C GLU B 285 -20.67 -24.66 0.14
N HIS B 286 -19.61 -23.99 0.59
CA HIS B 286 -19.38 -23.86 2.02
C HIS B 286 -20.53 -23.09 2.67
N GLU B 287 -21.04 -22.10 1.97
CA GLU B 287 -22.13 -21.28 2.49
C GLU B 287 -23.37 -22.11 2.77
N GLN B 288 -23.71 -23.02 1.87
CA GLN B 288 -24.87 -23.87 2.07
C GLN B 288 -24.69 -24.74 3.32
N LEU B 289 -23.47 -25.23 3.56
CA LEU B 289 -23.26 -26.05 4.74
C LEU B 289 -23.33 -25.22 6.01
N ILE B 290 -22.75 -24.02 5.97
CA ILE B 290 -22.76 -23.13 7.13
C ILE B 290 -24.18 -22.65 7.46
N LEU B 291 -24.95 -22.25 6.45
CA LEU B 291 -26.32 -21.80 6.68
C LEU B 291 -27.18 -22.95 7.19
N GLY B 292 -26.75 -24.18 6.90
CA GLY B 292 -27.49 -25.36 7.34
C GLY B 292 -27.02 -25.89 8.67
N ASN B 293 -26.08 -25.19 9.31
CA ASN B 293 -25.56 -25.60 10.61
C ASN B 293 -24.99 -27.02 10.59
N ALA B 294 -24.29 -27.35 9.52
CA ALA B 294 -23.71 -28.67 9.33
C ALA B 294 -22.59 -29.06 10.27
N SER B 295 -21.74 -28.11 10.65
CA SER B 295 -20.62 -28.47 11.52
C SER B 295 -20.13 -27.39 12.50
N ASP B 296 -19.43 -27.87 13.53
CA ASP B 296 -18.86 -27.02 14.58
C ASP B 296 -17.52 -26.45 14.10
N PHE B 297 -16.83 -27.22 13.27
CA PHE B 297 -15.55 -26.81 12.69
C PHE B 297 -15.74 -26.76 11.18
N VAL B 298 -15.32 -25.66 10.56
CA VAL B 298 -15.42 -25.50 9.12
C VAL B 298 -14.02 -25.77 8.56
N GLN B 299 -13.92 -26.70 7.61
CA GLN B 299 -12.63 -27.06 7.05
C GLN B 299 -12.45 -26.75 5.56
N PRO B 300 -12.24 -25.48 5.23
CA PRO B 300 -12.05 -25.13 3.83
C PRO B 300 -10.62 -25.42 3.38
N ASP B 301 -10.44 -25.47 2.07
CA ASP B 301 -9.15 -25.76 1.44
C ASP B 301 -8.98 -24.65 0.41
N ALA B 302 -8.04 -23.74 0.64
CA ALA B 302 -7.85 -22.63 -0.28
C ALA B 302 -7.64 -23.09 -1.72
N PRO B 303 -6.73 -24.05 -1.94
CA PRO B 303 -6.54 -24.50 -3.33
C PRO B 303 -7.87 -24.96 -3.96
N ARG B 304 -8.62 -25.76 -3.21
CA ARG B 304 -9.89 -26.30 -3.68
C ARG B 304 -11.06 -25.35 -3.87
N VAL B 305 -11.13 -24.29 -3.07
CA VAL B 305 -12.24 -23.35 -3.18
C VAL B 305 -12.00 -22.20 -4.14
N GLY B 306 -10.82 -22.15 -4.75
CA GLY B 306 -10.54 -21.07 -5.68
C GLY B 306 -9.47 -20.08 -5.25
N GLY B 307 -8.80 -20.35 -4.13
CA GLY B 307 -7.73 -19.47 -3.67
C GLY B 307 -7.93 -18.79 -2.33
N ILE B 308 -7.07 -17.83 -2.01
CA ILE B 308 -7.17 -17.10 -0.75
C ILE B 308 -8.39 -16.18 -0.73
N SER B 309 -8.67 -15.52 -1.85
CA SER B 309 -9.82 -14.62 -1.91
C SER B 309 -11.13 -15.26 -1.46
N PRO B 310 -11.52 -16.41 -2.06
CA PRO B 310 -12.78 -17.03 -1.62
C PRO B 310 -12.65 -17.65 -0.22
N PHE B 311 -11.44 -18.09 0.14
CA PHE B 311 -11.21 -18.67 1.46
C PHE B 311 -11.47 -17.61 2.53
N LEU B 312 -11.12 -16.36 2.24
CA LEU B 312 -11.34 -15.28 3.19
C LEU B 312 -12.83 -15.06 3.43
N LYS B 313 -13.63 -15.08 2.37
CA LYS B 313 -15.07 -14.88 2.53
C LYS B 313 -15.67 -16.05 3.32
N ILE B 314 -15.11 -17.23 3.12
CA ILE B 314 -15.59 -18.41 3.83
C ILE B 314 -15.29 -18.23 5.32
N MET B 315 -14.07 -17.80 5.63
CA MET B 315 -13.65 -17.56 7.02
C MET B 315 -14.56 -16.57 7.71
N ASP B 316 -14.85 -15.47 7.02
CA ASP B 316 -15.70 -14.43 7.59
C ASP B 316 -17.10 -14.97 7.88
N LEU B 317 -17.60 -15.81 6.99
CA LEU B 317 -18.93 -16.39 7.19
C LEU B 317 -18.93 -17.36 8.36
N ALA B 318 -17.93 -18.23 8.42
CA ALA B 318 -17.82 -19.19 9.51
C ALA B 318 -17.73 -18.49 10.86
N ALA B 319 -16.92 -17.43 10.91
CA ALA B 319 -16.74 -16.66 12.15
C ALA B 319 -18.05 -16.01 12.56
N LYS B 320 -18.79 -15.49 11.59
CA LYS B 320 -20.08 -14.85 11.85
C LYS B 320 -21.04 -15.86 12.50
N HIS B 321 -20.89 -17.13 12.14
CA HIS B 321 -21.73 -18.19 12.68
C HIS B 321 -21.15 -18.86 13.91
N GLY B 322 -20.09 -18.25 14.47
CA GLY B 322 -19.47 -18.78 15.67
C GLY B 322 -18.79 -20.13 15.58
N ARG B 323 -18.38 -20.51 14.37
CA ARG B 323 -17.72 -21.81 14.17
C ARG B 323 -16.20 -21.69 14.26
N LYS B 324 -15.53 -22.80 14.55
CA LYS B 324 -14.08 -22.84 14.63
C LYS B 324 -13.56 -23.14 13.22
N LEU B 325 -12.28 -22.89 13.00
CA LEU B 325 -11.67 -23.15 11.70
C LEU B 325 -10.55 -24.17 11.79
N ALA B 326 -10.51 -25.09 10.83
CA ALA B 326 -9.48 -26.11 10.77
C ALA B 326 -9.27 -26.43 9.28
N PRO B 327 -8.49 -25.59 8.58
CA PRO B 327 -8.20 -25.75 7.15
C PRO B 327 -7.61 -27.13 6.83
N HIS B 328 -7.86 -27.59 5.61
CA HIS B 328 -7.36 -28.89 5.20
C HIS B 328 -6.10 -28.82 4.34
N PHE B 329 -5.10 -29.63 4.72
CA PHE B 329 -3.86 -29.72 3.95
C PHE B 329 -3.17 -28.36 3.79
N ALA B 330 -2.37 -28.24 2.73
CA ALA B 330 -1.62 -27.05 2.38
C ALA B 330 -1.28 -26.10 3.54
N MET B 331 -0.60 -26.62 4.56
CA MET B 331 -0.24 -25.79 5.72
C MET B 331 0.63 -24.60 5.32
N GLU B 332 1.33 -24.73 4.20
CA GLU B 332 2.19 -23.66 3.70
C GLU B 332 1.37 -22.40 3.41
N VAL B 333 0.09 -22.61 3.09
CA VAL B 333 -0.80 -21.49 2.82
C VAL B 333 -1.76 -21.27 3.99
N HIS B 334 -2.32 -22.35 4.51
CA HIS B 334 -3.28 -22.24 5.61
C HIS B 334 -2.72 -21.73 6.95
N LEU B 335 -1.40 -21.77 7.12
CA LEU B 335 -0.83 -21.28 8.38
C LEU B 335 -1.15 -19.80 8.49
N HIS B 336 -0.98 -19.08 7.38
CA HIS B 336 -1.24 -17.65 7.32
C HIS B 336 -2.72 -17.31 7.47
N LEU B 337 -3.57 -18.09 6.81
CA LEU B 337 -5.00 -17.88 6.87
C LEU B 337 -5.58 -18.18 8.25
N SER B 338 -5.13 -19.27 8.86
CA SER B 338 -5.62 -19.63 10.18
C SER B 338 -5.13 -18.62 11.23
N ALA B 339 -3.93 -18.08 11.03
CA ALA B 339 -3.38 -17.09 11.95
C ALA B 339 -4.30 -15.87 12.00
N ALA B 340 -4.92 -15.57 10.87
CA ALA B 340 -5.82 -14.42 10.77
C ALA B 340 -7.24 -14.70 11.25
N TYR B 341 -7.55 -15.94 11.61
CA TYR B 341 -8.90 -16.27 12.07
C TYR B 341 -9.11 -15.79 13.51
N PRO B 342 -10.25 -15.15 13.80
CA PRO B 342 -10.55 -14.64 15.14
C PRO B 342 -10.65 -15.69 16.25
N LEU B 343 -11.24 -16.84 15.97
CA LEU B 343 -11.35 -17.89 16.99
C LEU B 343 -10.16 -18.83 16.86
N GLU B 344 -9.78 -19.49 17.95
CA GLU B 344 -8.62 -20.39 17.97
C GLU B 344 -8.80 -21.55 16.98
N PRO B 345 -7.95 -21.62 15.94
CA PRO B 345 -7.99 -22.66 14.91
C PRO B 345 -6.96 -23.78 15.08
N TRP B 346 -7.03 -24.77 14.20
CA TRP B 346 -6.11 -25.89 14.18
C TRP B 346 -5.49 -25.99 12.78
N LEU B 347 -4.22 -26.39 12.73
CA LEU B 347 -3.50 -26.53 11.46
C LEU B 347 -3.19 -28.02 11.27
N GLU B 348 -3.38 -28.51 10.05
CA GLU B 348 -3.14 -29.92 9.74
C GLU B 348 -1.77 -30.13 9.13
N HIS B 349 -1.05 -31.11 9.66
CA HIS B 349 0.29 -31.39 9.16
C HIS B 349 0.48 -32.63 8.31
N PHE B 350 1.23 -32.44 7.22
CA PHE B 350 1.63 -33.47 6.27
C PHE B 350 3.06 -33.03 5.93
N GLU B 351 3.95 -33.99 5.66
CA GLU B 351 5.32 -33.64 5.29
C GLU B 351 5.46 -33.70 3.78
N TRP B 352 4.42 -34.21 3.13
CA TRP B 352 4.39 -34.39 1.69
C TRP B 352 4.96 -33.26 0.84
N LEU B 353 4.59 -32.02 1.15
CA LEU B 353 5.05 -30.89 0.37
C LEU B 353 6.40 -30.30 0.78
N ASN B 354 6.95 -30.76 1.90
CA ASN B 354 8.23 -30.24 2.39
C ASN B 354 9.30 -30.10 1.30
N PRO B 355 9.52 -31.15 0.49
CA PRO B 355 10.55 -31.08 -0.57
C PRO B 355 10.31 -30.09 -1.72
N LEU B 356 9.11 -29.52 -1.82
CA LEU B 356 8.83 -28.57 -2.89
C LEU B 356 9.44 -27.21 -2.61
N PHE B 357 9.72 -26.95 -1.34
CA PHE B 357 10.25 -25.65 -0.94
C PHE B 357 11.61 -25.70 -0.27
N ASN B 358 12.35 -24.61 -0.39
CA ASN B 358 13.68 -24.51 0.21
C ASN B 358 13.58 -24.31 1.72
N GLU B 359 12.50 -23.68 2.16
CA GLU B 359 12.29 -23.40 3.59
C GLU B 359 11.32 -24.36 4.26
N GLN B 360 11.52 -24.59 5.56
CA GLN B 360 10.65 -25.47 6.33
C GLN B 360 10.06 -24.69 7.51
N LEU B 361 8.85 -25.06 7.92
CA LEU B 361 8.19 -24.39 9.04
C LEU B 361 8.66 -24.92 10.39
N GLU B 362 8.65 -24.04 11.39
CA GLU B 362 9.09 -24.40 12.73
C GLU B 362 7.95 -24.96 13.58
N LEU B 363 8.10 -26.21 14.02
CA LEU B 363 7.11 -26.86 14.86
C LEU B 363 7.69 -26.91 16.27
N ARG B 364 7.02 -26.23 17.21
CA ARG B 364 7.50 -26.19 18.59
C ARG B 364 6.36 -26.14 19.59
N ASP B 365 6.46 -27.00 20.60
CA ASP B 365 5.47 -27.08 21.67
C ASP B 365 4.02 -27.18 21.18
N GLY B 366 3.78 -28.09 20.23
CA GLY B 366 2.44 -28.29 19.71
C GLY B 366 1.90 -27.22 18.78
N ARG B 367 2.75 -26.30 18.33
CA ARG B 367 2.31 -25.23 17.44
C ARG B 367 3.26 -24.98 16.27
N MET B 368 2.72 -24.50 15.15
CA MET B 368 3.54 -24.20 14.00
C MET B 368 3.71 -22.68 14.02
N TRP B 369 4.96 -22.22 13.94
CA TRP B 369 5.24 -20.79 14.01
C TRP B 369 5.38 -20.09 12.66
N ILE B 370 4.87 -18.86 12.61
CA ILE B 370 4.96 -18.05 11.39
C ILE B 370 6.34 -17.42 11.40
N SER B 371 7.10 -17.64 10.34
CA SER B 371 8.44 -17.07 10.26
C SER B 371 8.38 -15.62 9.81
N ASP B 372 9.52 -14.95 9.81
CA ASP B 372 9.60 -13.56 9.41
C ASP B 372 9.66 -13.42 7.89
N ARG B 373 9.73 -14.54 7.18
CA ARG B 373 9.78 -14.49 5.72
C ARG B 373 8.53 -13.81 5.16
N HIS B 374 8.68 -13.07 4.07
CA HIS B 374 7.55 -12.35 3.47
C HIS B 374 6.63 -13.23 2.61
N GLY B 375 5.41 -12.75 2.39
CA GLY B 375 4.45 -13.51 1.59
C GLY B 375 4.21 -14.86 2.22
N LEU B 376 4.07 -15.90 1.39
CA LEU B 376 3.85 -17.24 1.93
C LEU B 376 5.09 -17.68 2.71
N GLY B 377 6.24 -17.10 2.36
CA GLY B 377 7.48 -17.44 3.05
C GLY B 377 8.15 -18.70 2.52
N PHE B 378 7.95 -18.99 1.24
CA PHE B 378 8.54 -20.18 0.65
C PHE B 378 9.05 -19.90 -0.76
N THR B 379 10.14 -20.56 -1.13
CA THR B 379 10.69 -20.41 -2.47
C THR B 379 10.75 -21.82 -3.07
N LEU B 380 10.48 -21.93 -4.37
CA LEU B 380 10.49 -23.22 -5.05
C LEU B 380 11.89 -23.84 -5.07
N SER B 381 11.97 -25.09 -4.63
CA SER B 381 13.22 -25.84 -4.59
C SER B 381 13.58 -26.39 -5.95
N GLU B 382 14.80 -26.93 -6.05
CA GLU B 382 15.25 -27.53 -7.30
C GLU B 382 14.45 -28.80 -7.56
N GLN B 383 14.09 -29.50 -6.49
CA GLN B 383 13.31 -30.72 -6.58
C GLN B 383 11.95 -30.48 -7.24
N ALA B 384 11.36 -29.31 -6.98
CA ALA B 384 10.07 -28.96 -7.55
C ALA B 384 10.21 -28.84 -9.07
N ARG B 385 11.39 -28.41 -9.51
CA ARG B 385 11.64 -28.27 -10.94
C ARG B 385 11.84 -29.65 -11.53
N ARG B 386 12.55 -30.51 -10.80
CA ARG B 386 12.80 -31.87 -11.24
C ARG B 386 11.48 -32.61 -11.41
N TRP B 387 10.51 -32.32 -10.55
CA TRP B 387 9.21 -32.97 -10.63
C TRP B 387 8.21 -32.34 -11.58
N THR B 388 8.62 -31.28 -12.26
CA THR B 388 7.74 -30.61 -13.21
C THR B 388 7.69 -31.41 -14.51
N GLN B 389 6.48 -31.73 -14.96
CA GLN B 389 6.31 -32.49 -16.20
C GLN B 389 5.89 -31.59 -17.36
N LEU B 390 5.12 -30.55 -17.05
CA LEU B 390 4.67 -29.61 -18.08
C LEU B 390 4.85 -28.19 -17.56
N THR B 391 5.08 -27.25 -18.47
CA THR B 391 5.23 -25.85 -18.09
C THR B 391 4.97 -24.97 -19.31
N CYS B 392 4.61 -23.72 -19.06
CA CYS B 392 4.37 -22.76 -20.13
C CYS B 392 4.56 -21.34 -19.59
N GLU B 393 4.88 -20.41 -20.47
CA GLU B 393 5.11 -19.03 -20.05
C GLU B 393 4.40 -18.02 -20.93
N PHE B 394 4.10 -16.87 -20.35
CA PHE B 394 3.42 -15.79 -21.04
C PHE B 394 4.13 -14.48 -20.73
N GLY B 395 4.18 -13.59 -21.71
CA GLY B 395 4.84 -12.31 -21.51
C GLY B 395 6.35 -12.39 -21.59
N LYS B 396 7.01 -11.49 -20.88
CA LYS B 396 8.47 -11.43 -20.89
C LYS B 396 8.99 -11.02 -19.52
N ARG B 397 9.90 -11.81 -18.98
CA ARG B 397 10.48 -11.51 -17.67
C ARG B 397 10.97 -10.06 -17.68
N PRO B 398 10.66 -9.30 -16.62
CA PRO B 398 11.10 -7.89 -16.54
C PRO B 398 12.63 -7.77 -16.49
N SER C 4 10.67 -39.58 -3.19
CA SER C 4 9.41 -39.85 -2.42
C SER C 4 9.12 -38.78 -1.38
N ALA C 5 7.85 -38.37 -1.30
CA ALA C 5 7.44 -37.34 -0.36
C ALA C 5 6.86 -37.91 0.94
N ASN C 6 6.81 -39.23 1.04
CA ASN C 6 6.28 -39.87 2.25
C ASN C 6 6.99 -41.20 2.49
N SER C 7 6.62 -41.88 3.58
CA SER C 7 7.24 -43.15 3.92
C SER C 7 6.24 -43.97 4.74
N ASP C 8 6.70 -45.11 5.23
CA ASP C 8 5.86 -46.00 6.03
C ASP C 8 5.56 -45.41 7.39
N ALA C 9 6.38 -44.46 7.82
CA ALA C 9 6.20 -43.81 9.10
C ALA C 9 5.79 -42.35 8.90
N VAL C 10 6.49 -41.45 9.59
CA VAL C 10 6.23 -40.02 9.50
C VAL C 10 7.54 -39.31 9.75
N THR C 11 7.88 -38.35 8.89
CA THR C 11 9.13 -37.60 9.06
C THR C 11 8.85 -36.12 9.26
N TYR C 12 9.69 -35.48 10.07
CA TYR C 12 9.54 -34.05 10.34
C TYR C 12 10.80 -33.31 9.93
N ALA C 13 10.60 -32.19 9.26
CA ALA C 13 11.71 -31.37 8.79
C ALA C 13 12.29 -30.54 9.92
N LYS C 14 13.54 -30.11 9.74
CA LYS C 14 14.20 -29.27 10.72
C LYS C 14 14.32 -27.89 10.08
N ALA C 15 13.85 -26.87 10.80
CA ALA C 15 13.90 -25.51 10.28
C ALA C 15 15.27 -24.86 10.52
N ALA C 16 15.65 -23.94 9.63
CA ALA C 16 16.92 -23.24 9.75
C ALA C 16 16.65 -21.81 10.22
N ASN C 17 15.82 -21.09 9.46
CA ASN C 17 15.45 -19.72 9.78
C ASN C 17 14.53 -19.75 11.00
N THR C 18 15.14 -19.79 12.18
CA THR C 18 14.40 -19.84 13.43
C THR C 18 13.75 -18.51 13.79
N ARG C 19 13.93 -17.48 12.96
CA ARG C 19 13.36 -16.18 13.24
C ARG C 19 11.84 -16.14 12.97
N THR C 20 11.08 -15.59 13.92
CA THR C 20 9.63 -15.52 13.80
C THR C 20 9.07 -14.15 13.45
N ALA C 21 7.81 -14.15 13.00
CA ALA C 21 7.12 -12.92 12.63
C ALA C 21 6.86 -12.08 13.88
N ALA C 22 6.68 -12.76 15.01
CA ALA C 22 6.42 -12.09 16.27
C ALA C 22 7.61 -11.23 16.73
N GLU C 23 8.82 -11.74 16.56
CA GLU C 23 10.00 -11.02 16.99
C GLU C 23 10.56 -9.97 16.03
N THR C 24 10.13 -9.98 14.77
CA THR C 24 10.63 -9.02 13.79
C THR C 24 9.62 -7.97 13.33
N GLY C 25 8.35 -8.12 13.73
CA GLY C 25 7.34 -7.17 13.31
C GLY C 25 7.51 -5.76 13.84
N ASP C 26 6.92 -4.79 13.14
CA ASP C 26 6.98 -3.39 13.54
C ASP C 26 6.24 -3.22 14.87
N ARG C 27 6.38 -2.05 15.49
CA ARG C 27 5.74 -1.77 16.77
C ARG C 27 5.28 -0.33 16.85
N ILE C 28 4.10 -0.11 17.44
CA ILE C 28 3.56 1.24 17.59
C ILE C 28 4.31 1.90 18.74
N GLU C 29 4.88 3.08 18.49
CA GLU C 29 5.63 3.76 19.55
C GLU C 29 5.05 5.11 19.98
N TRP C 30 4.23 5.70 19.12
CA TRP C 30 3.67 7.02 19.43
C TRP C 30 2.29 7.17 18.84
N VAL C 31 1.42 7.86 19.56
CA VAL C 31 0.05 8.13 19.13
C VAL C 31 -0.37 9.51 19.60
N LYS C 32 -1.00 10.27 18.70
CA LYS C 32 -1.48 11.59 19.05
C LYS C 32 -2.95 11.71 18.65
N LEU C 33 -3.78 12.18 19.58
CA LEU C 33 -5.20 12.36 19.32
C LEU C 33 -5.53 13.84 19.36
N SER C 34 -6.50 14.27 18.54
CA SER C 34 -6.89 15.66 18.51
C SER C 34 -8.39 15.81 18.32
N LEU C 35 -8.95 16.81 18.98
CA LEU C 35 -10.37 17.12 18.83
C LEU C 35 -10.39 18.50 18.20
N ALA C 36 -10.84 18.57 16.95
CA ALA C 36 -10.90 19.85 16.26
C ALA C 36 -12.35 20.16 15.90
N PHE C 37 -12.61 21.42 15.58
CA PHE C 37 -13.95 21.83 15.19
C PHE C 37 -13.90 22.63 13.90
N LEU C 38 -14.60 22.10 12.90
CA LEU C 38 -14.68 22.69 11.58
C LEU C 38 -15.89 23.66 11.55
N PRO C 39 -15.62 24.97 11.54
CA PRO C 39 -16.71 25.95 11.52
C PRO C 39 -17.46 26.09 10.19
N LEU C 40 -18.78 26.18 10.27
CA LEU C 40 -19.61 26.35 9.07
C LEU C 40 -20.22 27.74 9.15
N ALA C 41 -19.69 28.67 8.36
CA ALA C 41 -20.17 30.06 8.35
C ALA C 41 -21.66 30.16 8.08
N THR C 42 -22.17 29.29 7.21
CA THR C 42 -23.58 29.30 6.89
C THR C 42 -24.26 28.13 7.59
N PRO C 43 -25.02 28.40 8.67
CA PRO C 43 -25.70 27.33 9.40
C PRO C 43 -26.41 26.43 8.40
N VAL C 44 -26.32 25.12 8.61
CA VAL C 44 -26.90 24.14 7.71
C VAL C 44 -28.17 23.47 8.25
N SER C 45 -29.20 23.41 7.42
CA SER C 45 -30.45 22.79 7.83
C SER C 45 -31.03 21.80 6.82
N ASP C 46 -31.34 20.60 7.30
CA ASP C 46 -31.98 19.60 6.46
C ASP C 46 -33.37 19.42 7.07
N ALA C 47 -34.09 18.38 6.69
CA ALA C 47 -35.44 18.17 7.22
C ALA C 47 -35.51 18.05 8.75
N LYS C 48 -34.43 17.53 9.37
CA LYS C 48 -34.41 17.36 10.81
C LYS C 48 -34.60 18.69 11.54
N VAL C 49 -34.09 19.77 10.94
CA VAL C 49 -34.21 21.09 11.53
C VAL C 49 -35.60 21.67 11.28
N LEU C 50 -36.07 21.61 10.04
CA LEU C 50 -37.38 22.15 9.70
C LEU C 50 -38.54 21.50 10.46
N THR C 51 -38.37 20.25 10.89
CA THR C 51 -39.43 19.58 11.65
C THR C 51 -39.28 19.90 13.13
N GLY C 52 -38.19 20.58 13.48
CA GLY C 52 -37.96 20.96 14.87
C GLY C 52 -37.24 19.91 15.70
N ARG C 53 -36.74 18.86 15.05
CA ARG C 53 -36.03 17.80 15.78
C ARG C 53 -34.63 18.24 16.22
N GLN C 54 -34.05 19.19 15.49
CA GLN C 54 -32.70 19.68 15.81
C GLN C 54 -32.53 21.15 15.44
N LYS C 55 -31.43 21.72 15.88
CA LYS C 55 -31.10 23.11 15.58
C LYS C 55 -30.14 23.11 14.38
N PRO C 56 -30.00 24.26 13.70
CA PRO C 56 -29.09 24.32 12.55
C PRO C 56 -27.68 23.86 12.92
N LEU C 57 -26.97 23.27 11.95
CA LEU C 57 -25.61 22.81 12.17
C LEU C 57 -24.64 23.97 11.91
N THR C 58 -23.80 24.28 12.89
CA THR C 58 -22.85 25.38 12.75
C THR C 58 -21.39 24.98 12.79
N GLU C 59 -21.13 23.70 13.03
CA GLU C 59 -19.76 23.22 13.08
C GLU C 59 -19.75 21.70 13.10
N VAL C 60 -18.59 21.12 12.81
CA VAL C 60 -18.44 19.67 12.80
C VAL C 60 -17.23 19.29 13.67
N ALA C 61 -17.44 18.36 14.60
CA ALA C 61 -16.34 17.90 15.44
C ALA C 61 -15.53 16.90 14.63
N ILE C 62 -14.21 17.02 14.68
CA ILE C 62 -13.32 16.12 13.95
C ILE C 62 -12.34 15.55 14.98
N ILE C 63 -12.28 14.22 15.11
CA ILE C 63 -11.36 13.59 16.05
C ILE C 63 -10.27 12.89 15.24
N ILE C 64 -9.04 13.40 15.34
CA ILE C 64 -7.93 12.84 14.57
C ILE C 64 -6.99 11.95 15.37
N ALA C 65 -6.52 10.89 14.74
CA ALA C 65 -5.56 9.98 15.36
C ALA C 65 -4.35 9.90 14.44
N GLU C 66 -3.16 10.06 15.00
CA GLU C 66 -1.92 9.98 14.25
C GLU C 66 -1.10 8.91 14.97
N ILE C 67 -0.63 7.93 14.21
CA ILE C 67 0.14 6.83 14.80
C ILE C 67 1.48 6.67 14.11
N ARG C 68 2.54 6.44 14.88
CA ARG C 68 3.86 6.25 14.32
C ARG C 68 4.49 4.97 14.83
N SER C 69 5.17 4.26 13.94
CA SER C 69 5.80 2.99 14.29
C SER C 69 7.30 3.09 14.44
N ARG C 70 7.87 2.12 15.15
CA ARG C 70 9.30 2.06 15.37
C ARG C 70 10.08 2.12 14.06
N ASP C 71 9.63 1.36 13.07
CA ASP C 71 10.31 1.31 11.78
C ASP C 71 10.10 2.49 10.85
N GLY C 72 9.50 3.56 11.36
CA GLY C 72 9.33 4.75 10.54
C GLY C 72 8.09 4.94 9.70
N PHE C 73 7.00 4.26 10.05
CA PHE C 73 5.77 4.42 9.29
C PHE C 73 4.77 5.22 10.13
N GLU C 74 3.88 5.92 9.45
CA GLU C 74 2.87 6.73 10.11
C GLU C 74 1.52 6.56 9.45
N GLY C 75 0.47 6.69 10.25
CA GLY C 75 -0.88 6.56 9.73
C GLY C 75 -1.73 7.67 10.33
N VAL C 76 -2.70 8.14 9.56
CA VAL C 76 -3.61 9.19 10.01
C VAL C 76 -5.03 8.75 9.67
N GLY C 77 -5.97 9.06 10.57
CA GLY C 77 -7.36 8.70 10.34
C GLY C 77 -8.22 9.60 11.22
N PHE C 78 -9.52 9.60 10.99
CA PHE C 78 -10.38 10.46 11.80
C PHE C 78 -11.83 10.00 11.83
N SER C 79 -12.56 10.50 12.81
CA SER C 79 -13.99 10.23 12.91
C SER C 79 -14.55 11.63 13.10
N TYR C 80 -15.85 11.76 13.28
CA TYR C 80 -16.43 13.09 13.42
C TYR C 80 -17.77 13.01 14.12
N SER C 81 -18.35 14.18 14.34
CA SER C 81 -19.66 14.29 14.94
C SER C 81 -20.32 15.58 14.51
N LYS C 82 -21.57 15.48 14.10
CA LYS C 82 -22.36 16.63 13.71
C LYS C 82 -23.35 16.77 14.86
N ARG C 83 -23.14 17.82 15.65
CA ARG C 83 -23.91 18.12 16.85
C ARG C 83 -23.22 17.36 17.99
N ALA C 84 -23.89 17.17 19.12
CA ALA C 84 -23.25 16.52 20.27
C ALA C 84 -22.68 15.12 20.03
N GLY C 85 -21.46 14.89 20.51
CA GLY C 85 -20.84 13.60 20.36
C GLY C 85 -19.32 13.63 20.28
N GLY C 86 -18.78 14.72 19.73
CA GLY C 86 -17.34 14.86 19.59
C GLY C 86 -16.55 14.82 20.89
N GLN C 87 -17.07 15.46 21.94
CA GLN C 87 -16.39 15.47 23.22
C GLN C 87 -16.23 14.05 23.75
N GLY C 88 -17.30 13.27 23.67
CA GLY C 88 -17.27 11.89 24.14
C GLY C 88 -16.41 10.98 23.28
N ILE C 89 -16.38 11.21 21.97
CA ILE C 89 -15.56 10.38 21.08
C ILE C 89 -14.09 10.62 21.44
N TYR C 90 -13.71 11.88 21.56
CA TYR C 90 -12.34 12.23 21.91
C TYR C 90 -11.96 11.68 23.28
N ALA C 91 -12.82 11.92 24.27
CA ALA C 91 -12.59 11.47 25.62
C ALA C 91 -12.33 9.97 25.76
N HIS C 92 -13.14 9.16 25.07
CA HIS C 92 -12.95 7.71 25.15
C HIS C 92 -11.69 7.30 24.39
N ALA C 93 -11.45 7.89 23.24
CA ALA C 93 -10.26 7.56 22.46
C ALA C 93 -9.03 7.83 23.34
N LYS C 94 -9.05 8.97 24.02
CA LYS C 94 -7.95 9.34 24.90
C LYS C 94 -7.78 8.34 26.04
N GLU C 95 -8.89 7.82 26.56
CA GLU C 95 -8.82 6.87 27.67
C GLU C 95 -8.36 5.46 27.26
N ILE C 96 -8.40 5.13 25.98
CA ILE C 96 -7.97 3.79 25.54
C ILE C 96 -6.72 3.76 24.65
N ALA C 97 -6.35 4.91 24.10
CA ALA C 97 -5.21 5.02 23.18
C ALA C 97 -3.88 4.39 23.60
N ASP C 98 -3.52 4.45 24.88
CA ASP C 98 -2.24 3.89 25.28
C ASP C 98 -2.16 2.37 25.12
N ASN C 99 -3.29 1.73 24.87
CA ASN C 99 -3.30 0.28 24.66
C ASN C 99 -2.58 -0.04 23.35
N LEU C 100 -2.46 0.97 22.50
CA LEU C 100 -1.81 0.82 21.20
C LEU C 100 -0.29 0.63 21.26
N LEU C 101 0.33 1.22 22.28
CA LEU C 101 1.78 1.14 22.42
C LEU C 101 2.33 -0.26 22.55
N GLY C 102 3.29 -0.60 21.69
CA GLY C 102 3.90 -1.92 21.75
C GLY C 102 3.21 -2.96 20.88
N GLU C 103 2.12 -2.59 20.23
CA GLU C 103 1.41 -3.55 19.39
C GLU C 103 1.97 -3.52 17.97
N ASP C 104 1.88 -4.66 17.29
CA ASP C 104 2.30 -4.75 15.90
C ASP C 104 1.14 -4.08 15.18
N PRO C 105 1.39 -2.95 14.51
CA PRO C 105 0.32 -2.23 13.81
C PRO C 105 -0.38 -2.96 12.67
N ASN C 106 0.18 -4.09 12.23
CA ASN C 106 -0.42 -4.84 11.13
C ASN C 106 -1.57 -5.73 11.57
N ASP C 107 -1.64 -6.02 12.87
CA ASP C 107 -2.69 -6.87 13.39
C ASP C 107 -3.88 -5.99 13.79
N ILE C 108 -4.47 -5.35 12.79
CA ILE C 108 -5.56 -4.43 13.00
C ILE C 108 -6.76 -4.98 13.78
N ASP C 109 -7.31 -6.13 13.37
CA ASP C 109 -8.44 -6.68 14.08
C ASP C 109 -8.11 -7.14 15.49
N LYS C 110 -6.88 -7.59 15.69
CA LYS C 110 -6.42 -8.01 17.01
C LYS C 110 -6.40 -6.78 17.92
N ILE C 111 -5.94 -5.66 17.36
CA ILE C 111 -5.86 -4.40 18.09
C ILE C 111 -7.27 -3.88 18.36
N TYR C 112 -8.12 -3.95 17.35
CA TYR C 112 -9.51 -3.49 17.48
C TYR C 112 -10.17 -4.23 18.63
N THR C 113 -9.94 -5.54 18.68
CA THR C 113 -10.50 -6.36 19.74
C THR C 113 -9.96 -5.95 21.11
N LYS C 114 -8.65 -5.69 21.19
CA LYS C 114 -8.05 -5.28 22.45
C LYS C 114 -8.68 -3.97 22.92
N LEU C 115 -8.95 -3.07 21.98
CA LEU C 115 -9.56 -1.78 22.30
C LEU C 115 -11.01 -1.95 22.80
N LEU C 116 -11.70 -2.95 22.26
CA LEU C 116 -13.07 -3.24 22.67
C LEU C 116 -13.05 -3.80 24.09
N TRP C 117 -12.10 -4.68 24.38
CA TRP C 117 -12.02 -5.25 25.73
C TRP C 117 -11.63 -4.19 26.77
N ALA C 118 -10.76 -3.28 26.36
CA ALA C 118 -10.31 -2.20 27.24
C ALA C 118 -11.49 -1.30 27.63
N GLY C 119 -12.52 -1.27 26.78
CA GLY C 119 -13.69 -0.47 27.07
C GLY C 119 -14.96 -1.30 26.97
N ALA C 120 -14.87 -2.55 27.41
CA ALA C 120 -15.99 -3.49 27.35
C ALA C 120 -17.28 -2.95 27.97
N SER C 121 -17.14 -2.13 29.00
CA SER C 121 -18.29 -1.59 29.69
C SER C 121 -19.19 -0.69 28.84
N VAL C 122 -18.63 -0.09 27.79
CA VAL C 122 -19.42 0.82 26.95
C VAL C 122 -19.89 0.32 25.58
N GLY C 123 -19.90 -1.00 25.40
CA GLY C 123 -20.43 -1.58 24.17
C GLY C 123 -19.59 -1.83 22.93
N ARG C 124 -20.24 -2.40 21.93
CA ARG C 124 -19.59 -2.71 20.65
C ARG C 124 -20.28 -1.98 19.50
N SER C 125 -20.96 -0.90 19.83
CA SER C 125 -21.65 -0.08 18.84
C SER C 125 -21.74 1.33 19.41
N GLY C 126 -22.06 2.30 18.57
CA GLY C 126 -22.20 3.65 19.07
C GLY C 126 -20.91 4.44 19.24
N MET C 127 -20.96 5.40 20.15
CA MET C 127 -19.84 6.31 20.41
C MET C 127 -18.49 5.65 20.69
N ALA C 128 -18.48 4.55 21.44
CA ALA C 128 -17.22 3.89 21.76
C ALA C 128 -16.50 3.38 20.51
N VAL C 129 -17.25 2.81 19.55
CA VAL C 129 -16.61 2.32 18.33
C VAL C 129 -16.21 3.50 17.45
N GLN C 130 -16.92 4.62 17.60
CA GLN C 130 -16.59 5.80 16.82
C GLN C 130 -15.30 6.43 17.33
N ALA C 131 -14.92 6.06 18.56
CA ALA C 131 -13.70 6.53 19.19
C ALA C 131 -12.55 5.64 18.70
N ILE C 132 -12.90 4.45 18.23
CA ILE C 132 -11.91 3.51 17.70
C ILE C 132 -11.71 3.79 16.21
N SER C 133 -12.73 4.36 15.57
CA SER C 133 -12.66 4.66 14.14
C SER C 133 -11.39 5.39 13.67
N PRO C 134 -11.01 6.48 14.36
CA PRO C 134 -9.80 7.22 13.95
C PRO C 134 -8.56 6.34 13.97
N ILE C 135 -8.45 5.52 15.02
CA ILE C 135 -7.32 4.61 15.18
C ILE C 135 -7.32 3.48 14.13
N ASP C 136 -8.49 2.87 13.91
CA ASP C 136 -8.62 1.79 12.92
C ASP C 136 -8.26 2.33 11.54
N ILE C 137 -8.77 3.51 11.21
CA ILE C 137 -8.50 4.11 9.91
C ILE C 137 -7.03 4.47 9.76
N ALA C 138 -6.43 5.00 10.82
CA ALA C 138 -5.00 5.34 10.77
C ALA C 138 -4.17 4.07 10.53
N LEU C 139 -4.57 2.95 11.12
CA LEU C 139 -3.83 1.70 10.95
C LEU C 139 -3.90 1.20 9.51
N TRP C 140 -5.05 1.40 8.86
CA TRP C 140 -5.22 0.99 7.48
C TRP C 140 -4.42 1.92 6.58
N ASP C 141 -4.41 3.21 6.94
CA ASP C 141 -3.66 4.21 6.20
C ASP C 141 -2.19 3.81 6.27
N MET C 142 -1.74 3.39 7.45
CA MET C 142 -0.35 2.98 7.63
C MET C 142 -0.01 1.74 6.80
N LYS C 143 -0.83 0.71 6.87
CA LYS C 143 -0.54 -0.51 6.11
C LYS C 143 -0.43 -0.22 4.61
N ALA C 144 -1.31 0.62 4.08
CA ALA C 144 -1.28 0.95 2.65
C ALA C 144 0.03 1.66 2.31
N LYS C 145 0.45 2.57 3.18
CA LYS C 145 1.69 3.31 2.96
C LYS C 145 2.87 2.35 3.03
N ARG C 146 2.79 1.40 3.96
CA ARG C 146 3.82 0.40 4.11
C ARG C 146 3.98 -0.38 2.80
N ALA C 147 2.89 -0.56 2.08
CA ALA C 147 2.91 -1.29 0.81
C ALA C 147 3.12 -0.36 -0.39
N GLY C 148 3.22 0.94 -0.13
CA GLY C 148 3.42 1.91 -1.20
C GLY C 148 2.21 1.97 -2.13
N LEU C 149 1.02 1.93 -1.54
CA LEU C 149 -0.22 1.93 -2.32
C LEU C 149 -1.34 2.82 -1.80
N PRO C 150 -2.16 3.34 -2.72
CA PRO C 150 -3.29 4.17 -2.29
C PRO C 150 -4.14 3.11 -1.55
N LEU C 151 -4.95 3.51 -0.56
CA LEU C 151 -5.74 2.52 0.17
C LEU C 151 -6.57 1.62 -0.75
N ALA C 152 -7.17 2.19 -1.78
CA ALA C 152 -8.00 1.42 -2.71
C ALA C 152 -7.25 0.24 -3.31
N LYS C 153 -5.96 0.43 -3.58
CA LYS C 153 -5.14 -0.62 -4.16
C LYS C 153 -4.71 -1.68 -3.14
N LEU C 154 -4.59 -1.29 -1.87
CA LEU C 154 -4.23 -2.24 -0.83
C LEU C 154 -5.41 -3.21 -0.65
N LEU C 155 -6.61 -2.65 -0.67
CA LEU C 155 -7.84 -3.42 -0.52
C LEU C 155 -8.16 -4.20 -1.79
N GLY C 156 -7.83 -3.60 -2.93
CA GLY C 156 -8.12 -4.21 -4.21
C GLY C 156 -9.23 -3.37 -4.80
N ALA C 157 -8.97 -2.72 -5.94
CA ALA C 157 -9.99 -1.88 -6.55
C ALA C 157 -10.68 -2.55 -7.73
N HIS C 158 -11.91 -2.14 -7.97
CA HIS C 158 -12.69 -2.66 -9.09
C HIS C 158 -12.83 -1.55 -10.13
N ARG C 159 -12.46 -0.33 -9.71
CA ARG C 159 -12.52 0.84 -10.59
C ARG C 159 -11.52 1.86 -10.07
N ASP C 160 -11.02 2.72 -10.96
CA ASP C 160 -10.02 3.71 -10.56
C ASP C 160 -10.61 5.09 -10.30
N SER C 161 -11.93 5.19 -10.39
CA SER C 161 -12.63 6.45 -10.15
C SER C 161 -14.07 6.07 -9.79
N VAL C 162 -14.78 6.99 -9.13
CA VAL C 162 -16.14 6.70 -8.70
C VAL C 162 -17.13 7.82 -9.00
N GLN C 163 -18.32 7.46 -9.48
CA GLN C 163 -19.39 8.43 -9.77
C GLN C 163 -19.57 9.28 -8.52
N CYS C 164 -19.72 10.58 -8.68
CA CYS C 164 -19.85 11.48 -7.54
C CYS C 164 -21.01 12.46 -7.68
N TYR C 165 -21.79 12.63 -6.61
CA TYR C 165 -22.92 13.55 -6.63
C TYR C 165 -22.72 14.54 -5.49
N ASN C 166 -23.29 15.75 -5.62
CA ASN C 166 -23.14 16.74 -4.57
C ASN C 166 -24.35 16.89 -3.66
N THR C 167 -24.09 17.09 -2.37
CA THR C 167 -25.16 17.26 -1.38
C THR C 167 -25.19 18.67 -0.77
N SER C 168 -24.01 19.26 -0.55
CA SER C 168 -23.90 20.58 0.07
C SER C 168 -24.65 21.73 -0.60
N GLY C 169 -24.97 21.60 -1.88
CA GLY C 169 -25.69 22.68 -2.55
C GLY C 169 -27.19 22.47 -2.62
N GLY C 170 -27.70 21.48 -1.88
CA GLY C 170 -29.14 21.22 -1.92
C GLY C 170 -29.86 21.14 -0.58
N PHE C 171 -29.37 21.87 0.41
CA PHE C 171 -30.00 21.86 1.72
C PHE C 171 -31.27 22.70 1.78
N LEU C 172 -32.08 22.49 2.82
CA LEU C 172 -33.34 23.18 3.00
C LEU C 172 -33.27 24.63 3.49
N HIS C 173 -32.11 25.06 3.96
CA HIS C 173 -31.95 26.43 4.42
C HIS C 173 -31.61 27.32 3.21
N THR C 174 -31.46 26.68 2.05
CA THR C 174 -31.11 27.38 0.81
C THR C 174 -32.31 27.69 -0.09
N PRO C 175 -32.50 28.98 -0.42
CA PRO C 175 -33.61 29.39 -1.28
C PRO C 175 -33.52 28.68 -2.62
N LEU C 176 -34.66 28.38 -3.22
CA LEU C 176 -34.68 27.69 -4.51
C LEU C 176 -33.78 28.32 -5.57
N ASP C 177 -33.82 29.64 -5.68
CA ASP C 177 -32.99 30.32 -6.69
C ASP C 177 -31.50 30.05 -6.48
N GLN C 178 -31.08 29.91 -5.22
CA GLN C 178 -29.68 29.64 -4.92
C GLN C 178 -29.36 28.17 -5.19
N VAL C 179 -30.32 27.29 -4.91
CA VAL C 179 -30.11 25.86 -5.14
C VAL C 179 -29.86 25.65 -6.64
N LEU C 180 -30.60 26.39 -7.46
CA LEU C 180 -30.43 26.29 -8.91
C LEU C 180 -29.06 26.85 -9.32
N LYS C 181 -28.61 27.88 -8.61
CA LYS C 181 -27.29 28.47 -8.91
C LYS C 181 -26.22 27.45 -8.57
N ASN C 182 -26.42 26.72 -7.47
CA ASN C 182 -25.46 25.71 -7.04
C ASN C 182 -25.38 24.57 -8.05
N VAL C 183 -26.53 24.22 -8.63
CA VAL C 183 -26.56 23.13 -9.61
C VAL C 183 -25.66 23.48 -10.80
N VAL C 184 -25.75 24.73 -11.27
CA VAL C 184 -24.92 25.16 -12.39
C VAL C 184 -23.44 25.13 -12.03
N ILE C 185 -23.11 25.68 -10.86
CA ILE C 185 -21.73 25.71 -10.38
C ILE C 185 -21.19 24.28 -10.27
N SER C 186 -21.97 23.42 -9.62
CA SER C 186 -21.59 22.02 -9.43
C SER C 186 -21.42 21.26 -10.75
N ARG C 187 -22.33 21.49 -11.69
CA ARG C 187 -22.26 20.81 -12.96
C ARG C 187 -21.07 21.31 -13.78
N GLU C 188 -20.80 22.60 -13.70
CA GLU C 188 -19.66 23.18 -14.42
C GLU C 188 -18.36 22.62 -13.88
N ASN C 189 -18.39 22.17 -12.63
CA ASN C 189 -17.20 21.61 -12.00
C ASN C 189 -17.05 20.11 -12.21
N GLY C 190 -17.91 19.55 -13.06
CA GLY C 190 -17.84 18.12 -13.36
C GLY C 190 -18.55 17.16 -12.43
N ILE C 191 -19.50 17.65 -11.63
CA ILE C 191 -20.22 16.76 -10.71
C ILE C 191 -21.01 15.75 -11.55
N GLY C 192 -21.24 14.56 -11.00
CA GLY C 192 -21.98 13.54 -11.74
C GLY C 192 -23.41 13.34 -11.28
N GLY C 193 -23.82 14.07 -10.26
CA GLY C 193 -25.18 13.93 -9.76
C GLY C 193 -25.52 14.99 -8.72
N ILE C 194 -26.82 15.14 -8.47
CA ILE C 194 -27.31 16.11 -7.50
C ILE C 194 -28.30 15.48 -6.54
N LYS C 195 -28.13 15.76 -5.24
CA LYS C 195 -29.05 15.24 -4.23
C LYS C 195 -29.75 16.45 -3.64
N LEU C 196 -31.07 16.37 -3.49
CA LEU C 196 -31.84 17.47 -2.93
C LEU C 196 -32.48 17.05 -1.59
N LYS C 197 -32.31 17.89 -0.56
CA LYS C 197 -32.89 17.59 0.73
C LYS C 197 -34.39 17.88 0.70
N VAL C 198 -35.18 16.93 1.16
CA VAL C 198 -36.63 17.07 1.20
C VAL C 198 -37.10 16.59 2.56
N GLY C 199 -38.42 16.43 2.71
CA GLY C 199 -38.94 15.96 4.00
C GLY C 199 -39.36 17.07 4.93
N GLN C 200 -39.60 18.27 4.40
CA GLN C 200 -40.02 19.39 5.24
C GLN C 200 -41.55 19.31 5.40
N PRO C 201 -42.10 19.92 6.46
CA PRO C 201 -43.54 19.88 6.70
C PRO C 201 -44.37 20.20 5.45
N ASN C 202 -43.93 21.21 4.70
CA ASN C 202 -44.63 21.61 3.47
C ASN C 202 -44.20 20.70 2.33
N CYS C 203 -44.97 19.62 2.10
CA CYS C 203 -44.65 18.67 1.04
C CYS C 203 -44.74 19.32 -0.34
N ALA C 204 -45.73 20.17 -0.53
CA ALA C 204 -45.93 20.85 -1.81
C ALA C 204 -44.67 21.61 -2.21
N GLU C 205 -44.02 22.24 -1.23
CA GLU C 205 -42.81 23.00 -1.50
C GLU C 205 -41.70 22.07 -1.99
N ASP C 206 -41.51 20.93 -1.32
CA ASP C 206 -40.47 20.00 -1.74
C ASP C 206 -40.69 19.56 -3.17
N ILE C 207 -41.96 19.40 -3.56
CA ILE C 207 -42.28 19.01 -4.92
C ILE C 207 -41.96 20.17 -5.86
N ARG C 208 -42.24 21.39 -5.38
CA ARG C 208 -41.96 22.58 -6.16
C ARG C 208 -40.46 22.63 -6.44
N ARG C 209 -39.67 22.50 -5.38
CA ARG C 209 -38.22 22.55 -5.51
C ARG C 209 -37.69 21.41 -6.38
N LEU C 210 -38.17 20.19 -6.14
CA LEU C 210 -37.73 19.03 -6.90
C LEU C 210 -38.04 19.13 -8.40
N THR C 211 -39.23 19.62 -8.73
CA THR C 211 -39.62 19.76 -10.14
C THR C 211 -38.74 20.78 -10.84
N ALA C 212 -38.36 21.83 -10.11
CA ALA C 212 -37.50 22.88 -10.66
C ALA C 212 -36.11 22.32 -10.97
N VAL C 213 -35.54 21.63 -9.99
CA VAL C 213 -34.21 21.05 -10.17
C VAL C 213 -34.19 20.10 -11.36
N ARG C 214 -35.13 19.17 -11.40
CA ARG C 214 -35.21 18.21 -12.50
C ARG C 214 -35.39 18.93 -13.82
N GLU C 215 -36.16 20.02 -13.79
CA GLU C 215 -36.42 20.82 -14.98
C GLU C 215 -35.13 21.40 -15.53
N ALA C 216 -34.32 21.97 -14.65
CA ALA C 216 -33.05 22.58 -15.04
C ALA C 216 -31.99 21.55 -15.45
N LEU C 217 -31.96 20.42 -14.77
CA LEU C 217 -31.00 19.36 -15.07
C LEU C 217 -31.25 18.63 -16.38
N GLY C 218 -32.51 18.42 -16.71
CA GLY C 218 -32.84 17.69 -17.91
C GLY C 218 -33.15 16.26 -17.52
N ASP C 219 -33.94 15.57 -18.32
CA ASP C 219 -34.36 14.20 -18.07
C ASP C 219 -33.30 13.18 -17.63
N GLU C 220 -32.10 13.24 -18.19
CA GLU C 220 -31.06 12.25 -17.91
C GLU C 220 -30.08 12.39 -16.74
N PHE C 221 -29.75 13.62 -16.36
CA PHE C 221 -28.79 13.84 -15.28
C PHE C 221 -29.22 13.23 -13.95
N PRO C 222 -28.37 12.37 -13.36
CA PRO C 222 -28.70 11.72 -12.08
C PRO C 222 -29.14 12.72 -11.01
N LEU C 223 -30.31 12.46 -10.44
CA LEU C 223 -30.89 13.32 -9.41
C LEU C 223 -31.41 12.41 -8.30
N MET C 224 -31.20 12.81 -7.05
CA MET C 224 -31.65 12.02 -5.90
C MET C 224 -32.19 12.91 -4.77
N VAL C 225 -32.99 12.34 -3.87
CA VAL C 225 -33.57 13.10 -2.76
C VAL C 225 -33.29 12.42 -1.42
N ASP C 226 -33.30 13.23 -0.35
CA ASP C 226 -33.03 12.76 1.00
C ASP C 226 -33.98 13.41 2.00
N ALA C 227 -34.79 12.59 2.68
CA ALA C 227 -35.77 13.08 3.65
C ALA C 227 -35.26 13.10 5.09
N ASN C 228 -34.07 12.54 5.31
CA ASN C 228 -33.50 12.51 6.66
C ASN C 228 -34.48 12.05 7.75
N GLN C 229 -35.16 10.93 7.47
CA GLN C 229 -36.11 10.31 8.40
C GLN C 229 -37.33 11.14 8.79
N GLN C 230 -37.66 12.18 8.03
CA GLN C 230 -38.77 13.02 8.46
C GLN C 230 -40.20 12.76 7.99
N TRP C 231 -40.42 11.66 7.28
CA TRP C 231 -41.78 11.35 6.84
C TRP C 231 -42.31 10.16 7.63
N ASP C 232 -43.63 10.08 7.77
CA ASP C 232 -44.21 8.91 8.42
C ASP C 232 -44.46 7.98 7.24
N ARG C 233 -44.89 6.75 7.49
CA ARG C 233 -45.12 5.80 6.41
C ARG C 233 -46.10 6.26 5.35
N GLU C 234 -47.22 6.85 5.77
CA GLU C 234 -48.25 7.33 4.84
C GLU C 234 -47.70 8.38 3.89
N THR C 235 -46.97 9.34 4.43
CA THR C 235 -46.39 10.42 3.65
C THR C 235 -45.32 9.87 2.72
N ALA C 236 -44.52 8.92 3.23
CA ALA C 236 -43.44 8.34 2.45
C ALA C 236 -43.97 7.71 1.16
N ILE C 237 -44.90 6.76 1.29
CA ILE C 237 -45.43 6.11 0.10
C ILE C 237 -46.08 7.15 -0.82
N ARG C 238 -46.87 8.05 -0.25
CA ARG C 238 -47.53 9.09 -1.03
C ARG C 238 -46.51 9.88 -1.87
N MET C 239 -45.49 10.41 -1.22
CA MET C 239 -44.47 11.17 -1.92
C MET C 239 -43.72 10.30 -2.91
N GLY C 240 -43.52 9.03 -2.54
CA GLY C 240 -42.83 8.11 -3.42
C GLY C 240 -43.54 7.96 -4.76
N ARG C 241 -44.86 7.74 -4.70
CA ARG C 241 -45.67 7.58 -5.90
C ARG C 241 -45.54 8.82 -6.78
N LYS C 242 -45.63 9.98 -6.13
CA LYS C 242 -45.54 11.27 -6.81
C LYS C 242 -44.18 11.52 -7.43
N MET C 243 -43.13 11.03 -6.79
CA MET C 243 -41.76 11.23 -7.29
C MET C 243 -41.31 10.24 -8.34
N GLU C 244 -42.06 9.16 -8.51
CA GLU C 244 -41.72 8.14 -9.50
C GLU C 244 -41.43 8.77 -10.85
N GLN C 245 -42.12 9.88 -11.14
CA GLN C 245 -41.99 10.59 -12.41
C GLN C 245 -40.63 11.24 -12.66
N PHE C 246 -39.92 11.59 -11.60
CA PHE C 246 -38.62 12.24 -11.74
C PHE C 246 -37.46 11.30 -12.07
N ASN C 247 -37.72 10.00 -12.08
CA ASN C 247 -36.69 9.00 -12.36
C ASN C 247 -35.44 9.23 -11.51
N LEU C 248 -35.63 9.21 -10.20
CA LEU C 248 -34.55 9.42 -9.23
C LEU C 248 -33.64 8.21 -9.07
N ILE C 249 -32.35 8.46 -8.82
CA ILE C 249 -31.41 7.37 -8.62
C ILE C 249 -31.85 6.66 -7.33
N TRP C 250 -32.37 7.44 -6.39
CA TRP C 250 -32.86 6.90 -5.13
C TRP C 250 -33.61 7.91 -4.29
N ILE C 251 -34.29 7.40 -3.28
CA ILE C 251 -35.04 8.20 -2.32
C ILE C 251 -34.35 7.77 -1.05
N GLU C 252 -33.69 8.71 -0.38
CA GLU C 252 -32.92 8.41 0.82
C GLU C 252 -33.61 8.74 2.15
N GLU C 253 -33.40 7.86 3.13
CA GLU C 253 -33.97 8.02 4.46
C GLU C 253 -35.38 8.59 4.48
N PRO C 254 -36.34 7.90 3.84
CA PRO C 254 -37.71 8.41 3.84
C PRO C 254 -38.35 8.30 5.22
N LEU C 255 -37.84 7.36 6.03
CA LEU C 255 -38.38 7.10 7.36
C LEU C 255 -37.30 6.99 8.42
N ASP C 256 -37.73 6.82 9.67
CA ASP C 256 -36.81 6.66 10.79
C ASP C 256 -35.77 5.61 10.41
N ALA C 257 -34.52 5.88 10.76
CA ALA C 257 -33.40 5.01 10.45
C ALA C 257 -33.54 3.57 10.96
N TYR C 258 -34.38 3.37 11.97
CA TYR C 258 -34.57 2.03 12.52
C TYR C 258 -35.89 1.38 12.14
N ASP C 259 -36.64 2.02 11.24
CA ASP C 259 -37.90 1.46 10.78
C ASP C 259 -37.57 0.51 9.64
N ILE C 260 -37.14 -0.70 9.96
CA ILE C 260 -36.77 -1.67 8.93
C ILE C 260 -37.95 -2.11 8.06
N GLU C 261 -39.04 -2.53 8.68
CA GLU C 261 -40.20 -2.98 7.92
C GLU C 261 -40.77 -1.85 7.07
N GLY C 262 -40.70 -0.63 7.60
CA GLY C 262 -41.22 0.51 6.87
C GLY C 262 -40.43 0.78 5.60
N HIS C 263 -39.11 0.63 5.69
CA HIS C 263 -38.24 0.86 4.53
C HIS C 263 -38.45 -0.26 3.51
N ALA C 264 -38.43 -1.50 3.98
CA ALA C 264 -38.62 -2.67 3.12
C ALA C 264 -39.93 -2.59 2.36
N GLN C 265 -40.97 -2.15 3.06
CA GLN C 265 -42.30 -2.02 2.46
C GLN C 265 -42.24 -0.99 1.35
N LEU C 266 -41.51 0.09 1.61
CA LEU C 266 -41.37 1.17 0.65
C LEU C 266 -40.56 0.72 -0.56
N ALA C 267 -39.50 -0.05 -0.30
CA ALA C 267 -38.62 -0.54 -1.36
C ALA C 267 -39.32 -1.57 -2.26
N ALA C 268 -40.27 -2.30 -1.68
CA ALA C 268 -40.98 -3.32 -2.45
C ALA C 268 -42.13 -2.73 -3.28
N ALA C 269 -42.65 -1.59 -2.83
CA ALA C 269 -43.76 -0.93 -3.52
C ALA C 269 -43.36 0.00 -4.65
N LEU C 270 -42.16 0.57 -4.56
CA LEU C 270 -41.70 1.51 -5.60
C LEU C 270 -40.58 0.93 -6.46
N ASP C 271 -40.56 1.31 -7.74
CA ASP C 271 -39.50 0.85 -8.63
C ASP C 271 -38.27 1.69 -8.28
N THR C 272 -38.51 2.93 -7.87
CA THR C 272 -37.41 3.83 -7.49
C THR C 272 -36.62 3.23 -6.34
N PRO C 273 -35.29 3.16 -6.47
CA PRO C 273 -34.49 2.59 -5.38
C PRO C 273 -34.66 3.38 -4.08
N ILE C 274 -34.53 2.66 -2.97
CA ILE C 274 -34.64 3.25 -1.63
C ILE C 274 -33.24 3.15 -1.03
N ALA C 275 -32.80 4.21 -0.36
CA ALA C 275 -31.48 4.21 0.24
C ALA C 275 -31.52 4.62 1.71
N THR C 276 -30.68 3.99 2.53
CA THR C 276 -30.62 4.34 3.95
C THR C 276 -29.40 3.72 4.64
N GLY C 277 -29.10 4.22 5.84
CA GLY C 277 -28.00 3.67 6.62
C GLY C 277 -26.99 4.62 7.24
N GLU C 278 -26.94 5.88 6.80
CA GLU C 278 -25.95 6.81 7.34
C GLU C 278 -25.94 6.98 8.86
N MET C 279 -27.09 6.86 9.50
CA MET C 279 -27.18 7.05 10.94
C MET C 279 -26.80 5.83 11.78
N LEU C 280 -26.70 4.67 11.14
CA LEU C 280 -26.36 3.45 11.86
C LEU C 280 -24.93 3.48 12.36
N THR C 281 -24.71 2.87 13.53
CA THR C 281 -23.40 2.91 14.15
C THR C 281 -22.70 1.58 14.44
N SER C 282 -22.87 0.59 13.56
CA SER C 282 -22.22 -0.70 13.75
C SER C 282 -22.58 -1.66 12.64
N PHE C 283 -21.79 -2.72 12.52
CA PHE C 283 -22.08 -3.74 11.51
C PHE C 283 -23.41 -4.37 11.90
N ARG C 284 -23.57 -4.72 13.17
CA ARG C 284 -24.80 -5.35 13.62
C ARG C 284 -26.08 -4.60 13.26
N GLU C 285 -26.05 -3.27 13.37
CA GLU C 285 -27.21 -2.47 13.01
C GLU C 285 -27.49 -2.55 11.51
N HIS C 286 -26.44 -2.44 10.69
CA HIS C 286 -26.59 -2.53 9.23
C HIS C 286 -27.07 -3.91 8.81
N GLU C 287 -26.62 -4.93 9.53
CA GLU C 287 -26.99 -6.31 9.24
C GLU C 287 -28.50 -6.47 9.34
N GLN C 288 -29.09 -5.94 10.42
CA GLN C 288 -30.53 -6.02 10.60
C GLN C 288 -31.29 -5.38 9.46
N LEU C 289 -30.85 -4.21 9.00
CA LEU C 289 -31.51 -3.54 7.89
C LEU C 289 -31.37 -4.38 6.63
N ILE C 290 -30.17 -4.91 6.39
CA ILE C 290 -29.91 -5.72 5.22
C ILE C 290 -30.70 -7.03 5.21
N LEU C 291 -30.73 -7.74 6.34
CA LEU C 291 -31.48 -8.99 6.40
C LEU C 291 -32.97 -8.70 6.24
N GLY C 292 -33.38 -7.50 6.66
CA GLY C 292 -34.77 -7.10 6.56
C GLY C 292 -35.14 -6.46 5.23
N ASN C 293 -34.24 -6.56 4.25
CA ASN C 293 -34.49 -5.99 2.92
C ASN C 293 -34.97 -4.54 2.96
N ALA C 294 -34.35 -3.74 3.83
CA ALA C 294 -34.75 -2.35 3.99
C ALA C 294 -34.51 -1.45 2.78
N SER C 295 -33.42 -1.66 2.06
CA SER C 295 -33.12 -0.78 0.93
C SER C 295 -32.32 -1.38 -0.22
N ASP C 296 -32.38 -0.71 -1.35
CA ASP C 296 -31.68 -1.09 -2.58
C ASP C 296 -30.24 -0.58 -2.51
N PHE C 297 -30.05 0.54 -1.84
CA PHE C 297 -28.73 1.15 -1.66
C PHE C 297 -28.43 1.15 -0.16
N VAL C 298 -27.24 0.70 0.20
CA VAL C 298 -26.80 0.66 1.59
C VAL C 298 -25.80 1.81 1.73
N GLN C 299 -25.99 2.65 2.75
CA GLN C 299 -25.13 3.81 2.93
C GLN C 299 -24.44 3.83 4.28
N PRO C 300 -23.36 3.05 4.41
CA PRO C 300 -22.61 2.99 5.67
C PRO C 300 -21.71 4.22 5.75
N ASP C 301 -21.25 4.52 6.96
CA ASP C 301 -20.39 5.66 7.22
C ASP C 301 -19.26 5.06 8.06
N ALA C 302 -18.07 4.94 7.48
CA ALA C 302 -16.94 4.33 8.18
C ALA C 302 -16.68 4.92 9.56
N PRO C 303 -16.61 6.26 9.66
CA PRO C 303 -16.38 6.83 11.00
C PRO C 303 -17.48 6.43 11.98
N ARG C 304 -18.73 6.47 11.52
CA ARG C 304 -19.85 6.13 12.38
C ARG C 304 -20.00 4.66 12.77
N VAL C 305 -19.57 3.74 11.91
CA VAL C 305 -19.72 2.33 12.22
C VAL C 305 -18.53 1.72 12.95
N GLY C 306 -17.47 2.50 13.17
CA GLY C 306 -16.33 1.95 13.87
C GLY C 306 -15.06 1.85 13.06
N GLY C 307 -15.07 2.41 11.85
CA GLY C 307 -13.88 2.39 11.03
C GLY C 307 -13.95 1.57 9.77
N ILE C 308 -12.80 1.45 9.10
CA ILE C 308 -12.71 0.68 7.88
C ILE C 308 -12.99 -0.80 8.09
N SER C 309 -12.46 -1.37 9.17
CA SER C 309 -12.65 -2.79 9.45
C SER C 309 -14.12 -3.22 9.46
N PRO C 310 -14.99 -2.52 10.23
CA PRO C 310 -16.39 -2.97 10.20
C PRO C 310 -17.07 -2.60 8.88
N PHE C 311 -16.60 -1.52 8.25
CA PHE C 311 -17.17 -1.09 6.98
C PHE C 311 -16.95 -2.18 5.93
N LEU C 312 -15.80 -2.83 5.96
CA LEU C 312 -15.52 -3.89 5.00
C LEU C 312 -16.52 -5.03 5.18
N LYS C 313 -16.83 -5.37 6.43
CA LYS C 313 -17.80 -6.44 6.70
C LYS C 313 -19.18 -6.04 6.20
N ILE C 314 -19.52 -4.76 6.39
CA ILE C 314 -20.81 -4.25 5.93
C ILE C 314 -20.91 -4.33 4.41
N MET C 315 -19.84 -3.92 3.71
CA MET C 315 -19.80 -3.97 2.24
C MET C 315 -20.01 -5.38 1.73
N ASP C 316 -19.28 -6.32 2.33
CA ASP C 316 -19.34 -7.72 1.94
C ASP C 316 -20.76 -8.28 2.09
N LEU C 317 -21.42 -7.94 3.19
CA LEU C 317 -22.77 -8.42 3.42
C LEU C 317 -23.72 -7.81 2.39
N ALA C 318 -23.59 -6.51 2.16
CA ALA C 318 -24.46 -5.85 1.20
C ALA C 318 -24.28 -6.49 -0.18
N ALA C 319 -23.02 -6.75 -0.54
CA ALA C 319 -22.71 -7.35 -1.83
C ALA C 319 -23.41 -8.70 -1.98
N LYS C 320 -23.36 -9.50 -0.92
CA LYS C 320 -24.01 -10.82 -0.92
C LYS C 320 -25.50 -10.66 -1.22
N HIS C 321 -26.09 -9.56 -0.75
CA HIS C 321 -27.51 -9.32 -0.97
C HIS C 321 -27.80 -8.54 -2.23
N GLY C 322 -26.77 -8.40 -3.08
CA GLY C 322 -26.92 -7.68 -4.33
C GLY C 322 -27.31 -6.22 -4.23
N ARG C 323 -26.98 -5.57 -3.12
CA ARG C 323 -27.31 -4.16 -2.95
C ARG C 323 -26.20 -3.25 -3.47
N LYS C 324 -26.56 -2.03 -3.85
CA LYS C 324 -25.60 -1.05 -4.34
C LYS C 324 -25.08 -0.31 -3.10
N LEU C 325 -23.92 0.33 -3.24
CA LEU C 325 -23.30 1.05 -2.13
C LEU C 325 -23.18 2.54 -2.43
N ALA C 326 -23.57 3.35 -1.45
CA ALA C 326 -23.48 4.80 -1.57
C ALA C 326 -23.11 5.34 -0.18
N PRO C 327 -21.82 5.22 0.20
CA PRO C 327 -21.32 5.69 1.49
C PRO C 327 -21.69 7.14 1.80
N HIS C 328 -21.81 7.45 3.09
CA HIS C 328 -22.17 8.80 3.51
C HIS C 328 -20.99 9.67 3.97
N PHE C 329 -20.94 10.91 3.48
CA PHE C 329 -19.91 11.86 3.89
C PHE C 329 -18.47 11.33 3.71
N ALA C 330 -17.54 11.89 4.47
CA ALA C 330 -16.13 11.48 4.45
C ALA C 330 -15.65 10.86 3.14
N MET C 331 -15.74 11.61 2.04
CA MET C 331 -15.30 11.10 0.75
C MET C 331 -13.81 10.77 0.73
N GLU C 332 -13.04 11.43 1.58
CA GLU C 332 -11.60 11.21 1.67
C GLU C 332 -11.28 9.76 2.04
N VAL C 333 -12.21 9.10 2.72
CA VAL C 333 -12.03 7.71 3.11
C VAL C 333 -12.90 6.79 2.26
N HIS C 334 -14.13 7.20 2.03
CA HIS C 334 -15.07 6.40 1.27
C HIS C 334 -14.70 6.23 -0.20
N LEU C 335 -13.88 7.12 -0.72
CA LEU C 335 -13.46 7.03 -2.11
C LEU C 335 -12.79 5.68 -2.32
N HIS C 336 -11.88 5.33 -1.42
CA HIS C 336 -11.15 4.08 -1.47
C HIS C 336 -12.05 2.86 -1.25
N LEU C 337 -12.91 2.94 -0.24
CA LEU C 337 -13.81 1.83 0.06
C LEU C 337 -14.77 1.54 -1.08
N SER C 338 -15.37 2.59 -1.65
CA SER C 338 -16.31 2.41 -2.76
C SER C 338 -15.61 1.91 -4.02
N ALA C 339 -14.34 2.28 -4.19
CA ALA C 339 -13.58 1.84 -5.35
C ALA C 339 -13.38 0.32 -5.27
N ALA C 340 -13.37 -0.20 -4.05
CA ALA C 340 -13.19 -1.63 -3.81
C ALA C 340 -14.49 -2.42 -3.82
N TYR C 341 -15.63 -1.75 -4.00
CA TYR C 341 -16.91 -2.44 -3.99
C TYR C 341 -17.18 -3.11 -5.35
N PRO C 342 -17.69 -4.36 -5.33
CA PRO C 342 -17.96 -5.08 -6.57
C PRO C 342 -18.97 -4.43 -7.53
N LEU C 343 -20.07 -3.90 -7.01
CA LEU C 343 -21.06 -3.25 -7.87
C LEU C 343 -20.79 -1.74 -7.96
N GLU C 344 -21.18 -1.12 -9.08
CA GLU C 344 -20.96 0.31 -9.30
C GLU C 344 -21.57 1.15 -8.17
N PRO C 345 -20.71 1.87 -7.41
CA PRO C 345 -21.16 2.71 -6.29
C PRO C 345 -21.32 4.18 -6.61
N TRP C 346 -21.68 4.95 -5.60
CA TRP C 346 -21.85 6.40 -5.71
C TRP C 346 -21.10 7.03 -4.55
N LEU C 347 -20.48 8.18 -4.80
CA LEU C 347 -19.72 8.89 -3.76
C LEU C 347 -20.39 10.23 -3.50
N GLU C 348 -20.50 10.59 -2.23
CA GLU C 348 -21.14 11.83 -1.83
C GLU C 348 -20.14 12.97 -1.61
N HIS C 349 -20.43 14.14 -2.17
CA HIS C 349 -19.54 15.29 -2.04
C HIS C 349 -20.02 16.46 -1.19
N PHE C 350 -19.11 16.90 -0.33
CA PHE C 350 -19.26 18.06 0.55
C PHE C 350 -17.87 18.70 0.42
N GLU C 351 -17.78 20.03 0.47
CA GLU C 351 -16.48 20.68 0.39
C GLU C 351 -16.02 21.00 1.81
N TRP C 352 -16.84 20.65 2.78
CA TRP C 352 -16.59 20.92 4.20
C TRP C 352 -15.24 20.54 4.76
N LEU C 353 -14.76 19.34 4.45
CA LEU C 353 -13.49 18.88 4.99
C LEU C 353 -12.25 19.28 4.19
N ASN C 354 -12.45 19.96 3.06
CA ASN C 354 -11.32 20.37 2.22
C ASN C 354 -10.21 21.13 2.95
N PRO C 355 -10.56 22.09 3.81
CA PRO C 355 -9.55 22.87 4.54
C PRO C 355 -8.66 22.06 5.49
N LEU C 356 -9.11 20.87 5.87
CA LEU C 356 -8.33 20.03 6.79
C LEU C 356 -7.12 19.36 6.16
N PHE C 357 -7.09 19.29 4.84
CA PHE C 357 -6.02 18.60 4.15
C PHE C 357 -5.33 19.47 3.12
N ASN C 358 -4.07 19.14 2.85
CA ASN C 358 -3.27 19.89 1.89
C ASN C 358 -3.57 19.47 0.46
N GLU C 359 -4.18 18.30 0.29
CA GLU C 359 -4.50 17.80 -1.03
C GLU C 359 -6.01 17.82 -1.29
N GLN C 360 -6.39 17.93 -2.55
CA GLN C 360 -7.80 17.93 -2.95
C GLN C 360 -8.00 16.83 -3.99
N LEU C 361 -9.14 16.16 -3.94
CA LEU C 361 -9.44 15.09 -4.89
C LEU C 361 -9.80 15.70 -6.24
N GLU C 362 -9.55 14.94 -7.31
CA GLU C 362 -9.84 15.40 -8.66
C GLU C 362 -11.21 14.99 -9.17
N LEU C 363 -12.07 15.99 -9.42
CA LEU C 363 -13.42 15.75 -9.93
C LEU C 363 -13.41 15.96 -11.43
N ARG C 364 -13.63 14.89 -12.20
CA ARG C 364 -13.60 14.99 -13.66
C ARG C 364 -14.72 14.18 -14.32
N ASP C 365 -15.45 14.82 -15.22
CA ASP C 365 -16.52 14.19 -15.96
C ASP C 365 -17.43 13.31 -15.09
N GLY C 366 -17.98 13.91 -14.04
CA GLY C 366 -18.88 13.19 -13.16
C GLY C 366 -18.30 12.19 -12.18
N ARG C 367 -16.98 11.98 -12.20
CA ARG C 367 -16.37 11.02 -11.30
C ARG C 367 -15.20 11.60 -10.51
N MET C 368 -14.96 11.05 -9.33
CA MET C 368 -13.86 11.47 -8.48
C MET C 368 -12.76 10.43 -8.72
N TRP C 369 -11.58 10.89 -9.08
CA TRP C 369 -10.47 9.98 -9.38
C TRP C 369 -9.53 9.70 -8.21
N ILE C 370 -9.08 8.44 -8.12
CA ILE C 370 -8.16 8.05 -7.07
C ILE C 370 -6.76 8.48 -7.51
N SER C 371 -6.10 9.29 -6.70
CA SER C 371 -4.76 9.75 -7.03
C SER C 371 -3.73 8.65 -6.73
N ASP C 372 -2.48 8.89 -7.10
CA ASP C 372 -1.42 7.94 -6.85
C ASP C 372 -0.87 8.05 -5.44
N ARG C 373 -1.41 9.00 -4.65
CA ARG C 373 -0.94 9.17 -3.28
C ARG C 373 -1.22 7.92 -2.44
N HIS C 374 -0.35 7.64 -1.47
CA HIS C 374 -0.48 6.46 -0.62
C HIS C 374 -1.50 6.55 0.52
N GLY C 375 -1.96 5.38 0.96
CA GLY C 375 -2.95 5.33 2.02
C GLY C 375 -4.17 6.14 1.62
N LEU C 376 -4.71 6.91 2.56
CA LEU C 376 -5.87 7.74 2.26
C LEU C 376 -5.49 8.82 1.25
N GLY C 377 -4.19 9.11 1.15
CA GLY C 377 -3.73 10.13 0.21
C GLY C 377 -3.87 11.56 0.68
N PHE C 378 -3.95 11.76 2.00
CA PHE C 378 -4.07 13.11 2.54
C PHE C 378 -3.10 13.39 3.68
N THR C 379 -2.71 14.67 3.81
CA THR C 379 -1.83 15.10 4.89
C THR C 379 -2.57 16.24 5.59
N LEU C 380 -2.37 16.37 6.89
CA LEU C 380 -3.04 17.41 7.65
C LEU C 380 -2.50 18.81 7.37
N SER C 381 -3.41 19.77 7.27
CA SER C 381 -3.05 21.16 6.98
C SER C 381 -2.82 21.99 8.25
N GLU C 382 -2.29 23.19 8.04
CA GLU C 382 -2.05 24.13 9.13
C GLU C 382 -3.39 24.45 9.78
N GLN C 383 -4.41 24.62 8.94
CA GLN C 383 -5.75 24.94 9.43
C GLN C 383 -6.29 23.87 10.37
N ALA C 384 -6.02 22.60 10.05
CA ALA C 384 -6.47 21.49 10.88
C ALA C 384 -5.93 21.68 12.28
N ARG C 385 -4.67 22.10 12.36
CA ARG C 385 -4.02 22.35 13.64
C ARG C 385 -4.61 23.58 14.31
N ARG C 386 -4.90 24.61 13.53
CA ARG C 386 -5.47 25.84 14.06
C ARG C 386 -6.84 25.57 14.68
N TRP C 387 -7.61 24.71 14.03
CA TRP C 387 -8.94 24.38 14.54
C TRP C 387 -8.93 23.34 15.66
N THR C 388 -7.76 22.84 16.02
CA THR C 388 -7.66 21.85 17.09
C THR C 388 -7.86 22.52 18.45
N GLN C 389 -8.75 21.96 19.27
CA GLN C 389 -9.03 22.52 20.58
C GLN C 389 -8.45 21.70 21.73
N LEU C 390 -8.30 20.40 21.52
CA LEU C 390 -7.74 19.53 22.55
C LEU C 390 -6.85 18.50 21.87
N THR C 391 -5.77 18.13 22.54
CA THR C 391 -4.87 17.14 21.98
C THR C 391 -4.15 16.43 23.12
N CYS C 392 -3.67 15.22 22.85
CA CYS C 392 -2.95 14.43 23.84
C CYS C 392 -2.03 13.47 23.07
N GLU C 393 -0.99 13.01 23.74
CA GLU C 393 -0.03 12.11 23.12
C GLU C 393 0.38 10.97 24.05
N PHE C 394 0.82 9.88 23.43
CA PHE C 394 1.23 8.68 24.17
C PHE C 394 2.49 8.14 23.53
N GLY C 395 3.36 7.57 24.35
CA GLY C 395 4.60 7.01 23.82
C GLY C 395 5.62 8.09 23.56
N LYS C 396 6.50 7.84 22.58
CA LYS C 396 7.54 8.80 22.25
C LYS C 396 7.83 8.76 20.75
N ARG C 397 7.87 9.93 20.12
CA ARG C 397 8.15 10.01 18.69
C ARG C 397 9.46 9.28 18.36
N PRO C 398 9.40 8.28 17.47
CA PRO C 398 10.60 7.53 17.09
C PRO C 398 11.66 8.41 16.44
C1 GOL D . 18.27 27.55 -7.34
O1 GOL D . 19.16 26.49 -7.73
C2 GOL D . 18.47 27.94 -5.87
O2 GOL D . 19.68 27.36 -5.34
C3 GOL D . 18.53 29.45 -5.75
O3 GOL D . 18.59 29.84 -4.38
C1 GOL E . -6.37 -36.30 1.69
O1 GOL E . -5.82 -34.98 1.76
C2 GOL E . -6.86 -36.72 3.08
O2 GOL E . -8.08 -36.04 3.40
C3 GOL E . -7.07 -38.23 3.09
O3 GOL E . -8.04 -38.60 4.08
C1 GOL F . -25.11 15.49 7.37
O1 GOL F . -24.08 14.50 7.30
C2 GOL F . -26.17 15.24 6.30
O2 GOL F . -26.37 13.83 6.10
C3 GOL F . -27.49 15.90 6.74
O3 GOL F . -28.56 15.47 5.88
#